data_7WIW
#
_entry.id   7WIW
#
_cell.length_a   1.00
_cell.length_b   1.00
_cell.length_c   1.00
_cell.angle_alpha   90.00
_cell.angle_beta   90.00
_cell.angle_gamma   90.00
#
_symmetry.space_group_name_H-M   'P 1'
#
loop_
_entity.id
_entity.type
_entity.pdbx_description
1 polymer 'Mycobactin import ATP-binding/permease protein IrtB'
2 polymer 'Mycobactin import ATP-binding/permease protein IrtA'
3 non-polymer "ADENOSINE-5'-TRIPHOSPHATE"
4 non-polymer 'MAGNESIUM ION'
#
loop_
_entity_poly.entity_id
_entity_poly.type
_entity_poly.pdbx_seq_one_letter_code
_entity_poly.pdbx_strand_id
1 'polypeptide(L)'
;MIRTWIALVPNDHRARLIGFALLAFCSVVARAVGTVLLVPLMAALFGEAPQRAWLWLGWLSAATVAGWVLDAVTARIGIE
LGFAVLNHTQHDVADRLPVVRLDWFTAENTATARQAIAATGPELVGLVVNLVTPLTSAILLPAVIALALLPISWQLGVAA
LAGVPLLLGALWASAAFARRADTAADKANTALTERIIEFARTQQALRAARRVEPARSLVGNALASQHTATMRLLGMQIPG
QLLFSIASQLALIVLAGTTAALTITGTLTVPEAIALIVVMVRYLEPFTAVSELAPALESTRATLGRIGSVLTAPVMVAGS
GTWRDGAVVPRIEFDDVAFGYDGGSGPVLDGVSFCLQPGTTTAIVGPSGCGKSTILALIAGLHQPTRGRVLIDGTDVATL
DARAQQAVCSVVFQHPYLFHGTIRDNVFAADPGASDDQFAQAVRLARVDELIARLPDGANTIVGEAGSALSGGERQRVSI
ARALLKAAPVLLVDQATSALDAENEAAVVDALAADPRSRTRVIVAHRLASIRHADRVLFVDDGRVVEDGSISELLTAGGR
FSQFWRQQHEAAEWQILAE
;
B
2 'polypeptide(L)'
;MARGLQGVMLRSFGARDHTATVIETISIAPHFVRVRMVSPTLFQDAEAEPAAWLRFWFPDPNGSNTEFQRAYTISEADPA
AGRFAVDVVLHDPAGPASSWARTVKPGATIAVMSLMGSSRFDVPEEQPAGYLLIGDSASIPGMNGIIETVPNDVPIEMYL
EQHDDNDTLIPLAKHPRLRVRWVMRRDEKSLAEAIENRDWSDWYAWATPEAAALKCVRVRLRDEFGFPKSEIHAQAYWNA
GRAMGTHRATEPAATEPEVGAAPQPESAVPAPARGSWRAQAASRLLAPLKLPLVLSGVLAALVTLAQLAPFVLLVELSRL
LVSGAGAHRLFTVGFAAVGLLGTGALLAAALTLWLHVIDARFARALRLRLLSKLSRLPLGWFTSRGSGSIKKLVTDDTLA
LHYLVTHAVPDAVAAVVAPVGVLVYLFVVDWRVALVLFGPVLVYLTITSSLTIQSGPRIVQAQRWAEKMNGEAGSYLEGQ
PVIRVFGAASSSFRRRLDEYIGFLVAWQRPLAGKKTLMDLATRPATFLWLIAATGTLLVATHRMDPVNLLPFMFLGTTFG
ARLLGIAYGLGGLRTGLLAARHLQVTLDETELAVREHPREPLDGEAPATVVFDHVTFGYRPGVPVIQDVSLTLRPGTVTA
LVGPSGSGKSTLATLLARFHDVERGAIRVGGQDIRSLAADELYTRVGFVLQEAQLVHGTAAENIALAVPDAPAEQVQVAA
REAQIHDRVLRLPDGYDTVLGANSGLSGGERQRLTIARAILGDTPVLILDQATAFADPESEYLVQQALNRLTRDRTVLVI
AHRLHTITRADQIVVLDHGRIVERGTHEELLAAGGRYCRLWDTGQGSRVAVAAAQDGTR
;
A
#
loop_
_chem_comp.id
_chem_comp.type
_chem_comp.name
_chem_comp.formula
ATP non-polymer ADENOSINE-5'-TRIPHOSPHATE 'C10 H16 N5 O13 P3'
MG non-polymer 'MAGNESIUM ION' 'Mg 2'
#
# COMPACT_ATOMS: atom_id res chain seq x y z
N MET A 1 -19.47 11.11 -0.24
CA MET A 1 -19.10 12.06 -1.26
C MET A 1 -19.70 13.42 -0.92
N ILE A 2 -20.84 13.39 -0.25
CA ILE A 2 -21.48 14.57 0.30
C ILE A 2 -21.88 14.25 1.72
N ARG A 3 -21.67 15.21 2.63
CA ARG A 3 -21.85 15.04 4.06
C ARG A 3 -20.73 14.16 4.62
N THR A 4 -19.94 13.58 3.72
CA THR A 4 -18.75 12.82 4.08
C THR A 4 -17.52 13.60 3.66
N TRP A 5 -17.47 13.99 2.39
CA TRP A 5 -16.38 14.83 1.90
C TRP A 5 -16.44 16.24 2.47
N ILE A 6 -17.65 16.76 2.72
CA ILE A 6 -17.78 18.07 3.35
C ILE A 6 -17.18 18.09 4.75
N ALA A 7 -17.15 16.95 5.43
CA ALA A 7 -16.54 16.85 6.75
C ALA A 7 -15.02 16.97 6.71
N LEU A 8 -14.40 16.80 5.55
CA LEU A 8 -12.94 16.78 5.47
C LEU A 8 -12.38 18.18 5.32
N VAL A 9 -13.08 19.05 4.60
CA VAL A 9 -12.62 20.43 4.37
C VAL A 9 -12.58 21.16 5.70
N PRO A 10 -11.58 21.99 5.96
CA PRO A 10 -11.55 22.73 7.23
C PRO A 10 -12.57 23.85 7.29
N ASN A 11 -12.54 24.63 8.38
CA ASN A 11 -13.51 25.69 8.57
C ASN A 11 -13.06 27.02 7.97
N ASP A 12 -11.76 27.29 7.96
CA ASP A 12 -11.27 28.51 7.31
C ASP A 12 -11.57 28.51 5.82
N HIS A 13 -11.83 27.32 5.26
CA HIS A 13 -12.26 27.24 3.87
C HIS A 13 -13.78 27.22 3.75
N ARG A 14 -14.48 27.26 4.88
CA ARG A 14 -15.94 27.40 4.84
C ARG A 14 -16.29 28.88 4.73
N ALA A 15 -15.63 29.57 3.81
CA ALA A 15 -16.02 30.90 3.39
C ALA A 15 -15.94 30.96 1.87
N ARG A 16 -15.11 30.09 1.32
CA ARG A 16 -14.94 29.94 -0.13
C ARG A 16 -15.43 28.57 -0.59
N LEU A 17 -16.00 27.80 0.33
CA LEU A 17 -16.73 26.60 -0.05
C LEU A 17 -18.19 26.85 -0.42
N ILE A 18 -18.88 27.75 0.27
CA ILE A 18 -20.24 28.12 -0.10
C ILE A 18 -20.27 29.17 -1.21
N GLY A 19 -19.12 29.65 -1.64
CA GLY A 19 -19.04 30.56 -2.78
C GLY A 19 -18.58 29.81 -4.01
N PHE A 20 -18.28 28.53 -3.85
CA PHE A 20 -17.97 27.65 -4.96
C PHE A 20 -19.19 26.93 -5.50
N ALA A 21 -20.20 26.69 -4.65
CA ALA A 21 -21.45 26.08 -5.09
C ALA A 21 -22.36 27.08 -5.79
N LEU A 22 -22.04 28.37 -5.73
CA LEU A 22 -22.75 29.38 -6.49
C LEU A 22 -22.22 29.55 -7.90
N LEU A 23 -20.91 29.58 -8.07
CA LEU A 23 -20.30 29.69 -9.39
C LEU A 23 -20.48 28.43 -10.22
N ALA A 24 -20.89 27.33 -9.61
CA ALA A 24 -21.26 26.12 -10.36
C ALA A 24 -22.72 26.13 -10.77
N PHE A 25 -23.61 26.63 -9.90
CA PHE A 25 -25.00 26.79 -10.29
C PHE A 25 -25.13 27.84 -11.39
N CYS A 26 -24.43 28.95 -11.29
CA CYS A 26 -24.43 29.92 -12.38
C CYS A 26 -23.78 29.35 -13.63
N SER A 27 -22.80 28.45 -13.50
CA SER A 27 -22.21 27.83 -14.67
C SER A 27 -23.23 26.97 -15.41
N VAL A 28 -23.93 26.10 -14.68
CA VAL A 28 -24.93 25.26 -15.34
C VAL A 28 -26.11 26.08 -15.84
N VAL A 29 -26.43 27.19 -15.17
CA VAL A 29 -27.50 28.05 -15.66
C VAL A 29 -27.10 28.72 -16.96
N ALA A 30 -25.85 29.19 -17.06
CA ALA A 30 -25.38 29.78 -18.30
C ALA A 30 -25.37 28.75 -19.42
N ARG A 31 -24.95 27.52 -19.12
CA ARG A 31 -24.95 26.47 -20.13
C ARG A 31 -26.37 26.19 -20.62
N ALA A 32 -27.33 26.11 -19.70
CA ALA A 32 -28.70 25.80 -20.08
C ALA A 32 -29.32 26.93 -20.88
N VAL A 33 -29.06 28.17 -20.48
CA VAL A 33 -29.60 29.31 -21.23
C VAL A 33 -29.00 29.36 -22.63
N GLY A 34 -27.69 29.10 -22.74
CA GLY A 34 -27.07 29.09 -24.06
C GLY A 34 -27.60 27.98 -24.93
N THR A 35 -27.95 26.84 -24.32
CA THR A 35 -28.54 25.76 -25.09
C THR A 35 -29.95 26.09 -25.55
N VAL A 36 -30.74 26.75 -24.70
CA VAL A 36 -32.13 27.04 -25.03
C VAL A 36 -32.23 28.19 -26.03
N LEU A 37 -31.30 29.15 -26.00
CA LEU A 37 -31.41 30.31 -26.87
C LEU A 37 -31.26 29.96 -28.34
N LEU A 38 -31.11 28.67 -28.67
CA LEU A 38 -31.04 28.25 -30.06
C LEU A 38 -32.40 28.16 -30.73
N VAL A 39 -33.47 28.01 -29.95
CA VAL A 39 -34.80 27.85 -30.53
C VAL A 39 -35.38 29.18 -31.02
N PRO A 40 -35.12 30.35 -30.37
CA PRO A 40 -35.63 31.60 -30.96
C PRO A 40 -34.73 32.08 -32.07
N LEU A 41 -33.48 31.63 -32.05
CA LEU A 41 -32.52 32.02 -33.08
C LEU A 41 -32.80 31.31 -34.39
N MET A 42 -32.88 29.97 -34.35
CA MET A 42 -33.18 29.20 -35.55
C MET A 42 -34.58 29.47 -36.08
N ALA A 43 -35.49 29.95 -35.25
CA ALA A 43 -36.84 30.28 -35.69
C ALA A 43 -36.91 31.61 -36.42
N ALA A 44 -35.97 32.52 -36.17
CA ALA A 44 -35.85 33.76 -36.91
C ALA A 44 -34.81 33.69 -38.01
N LEU A 45 -34.00 32.65 -38.03
CA LEU A 45 -32.99 32.43 -39.06
C LEU A 45 -33.58 31.63 -40.22
N PHE A 46 -34.86 31.29 -40.11
CA PHE A 46 -35.57 30.51 -41.11
C PHE A 46 -36.78 31.28 -41.61
N GLY A 47 -37.03 32.45 -41.01
CA GLY A 47 -38.24 33.21 -41.26
C GLY A 47 -38.14 34.09 -42.48
N GLU A 48 -39.08 35.03 -42.56
CA GLU A 48 -39.18 35.96 -43.68
C GLU A 48 -37.93 36.82 -43.76
N ALA A 49 -37.57 37.45 -42.65
CA ALA A 49 -36.36 38.25 -42.57
C ALA A 49 -35.39 37.59 -41.61
N PRO A 50 -34.29 37.00 -42.09
CA PRO A 50 -33.29 36.42 -41.17
C PRO A 50 -32.37 37.42 -40.52
N GLN A 51 -32.55 38.72 -40.78
CA GLN A 51 -31.71 39.76 -40.20
C GLN A 51 -32.14 40.12 -38.78
N ARG A 52 -33.21 39.53 -38.28
CA ARG A 52 -33.64 39.73 -36.90
C ARG A 52 -33.22 38.54 -36.04
N ALA A 53 -32.15 37.87 -36.46
CA ALA A 53 -31.48 36.86 -35.65
C ALA A 53 -30.15 37.38 -35.13
N TRP A 54 -29.85 38.66 -35.37
CA TRP A 54 -28.69 39.31 -34.79
C TRP A 54 -28.89 39.60 -33.31
N LEU A 55 -30.06 40.08 -32.93
CA LEU A 55 -30.37 40.36 -31.54
C LEU A 55 -30.54 39.09 -30.72
N TRP A 56 -30.54 37.93 -31.36
CA TRP A 56 -30.57 36.64 -30.66
C TRP A 56 -29.23 35.94 -30.70
N LEU A 57 -28.25 36.48 -31.42
CA LEU A 57 -26.89 36.00 -31.37
C LEU A 57 -26.06 36.73 -30.33
N GLY A 58 -26.35 38.00 -30.07
CA GLY A 58 -25.70 38.69 -28.96
C GLY A 58 -25.94 37.98 -27.64
N TRP A 59 -27.17 37.51 -27.42
CA TRP A 59 -27.49 36.84 -26.17
C TRP A 59 -26.84 35.47 -26.09
N LEU A 60 -26.79 34.74 -27.20
CA LEU A 60 -26.10 33.46 -27.21
C LEU A 60 -24.61 33.63 -26.97
N SER A 61 -24.02 34.67 -27.54
CA SER A 61 -22.60 34.95 -27.29
C SER A 61 -22.36 35.33 -25.85
N ALA A 62 -23.26 36.14 -25.27
CA ALA A 62 -23.14 36.48 -23.86
C ALA A 62 -23.18 35.24 -22.99
N ALA A 63 -24.14 34.36 -23.26
CA ALA A 63 -24.25 33.12 -22.48
C ALA A 63 -23.00 32.26 -22.64
N THR A 64 -22.45 32.18 -23.86
CA THR A 64 -21.28 31.36 -24.09
C THR A 64 -20.05 31.91 -23.38
N VAL A 65 -19.83 33.22 -23.47
CA VAL A 65 -18.69 33.83 -22.80
C VAL A 65 -18.82 33.68 -21.28
N ALA A 66 -20.03 33.87 -20.76
CA ALA A 66 -20.24 33.67 -19.33
C ALA A 66 -19.96 32.24 -18.94
N GLY A 67 -20.35 31.27 -19.77
CA GLY A 67 -20.05 29.88 -19.48
C GLY A 67 -18.56 29.62 -19.45
N TRP A 68 -17.83 30.14 -20.44
CA TRP A 68 -16.37 30.02 -20.46
C TRP A 68 -15.76 30.54 -19.16
N VAL A 69 -16.11 31.79 -18.81
CA VAL A 69 -15.52 32.43 -17.64
C VAL A 69 -15.83 31.64 -16.38
N LEU A 70 -17.11 31.26 -16.21
CA LEU A 70 -17.51 30.59 -14.98
C LEU A 70 -16.88 29.20 -14.87
N ASP A 71 -16.79 28.46 -15.97
CA ASP A 71 -16.14 27.16 -15.93
C ASP A 71 -14.65 27.27 -15.62
N ALA A 72 -13.97 28.26 -16.20
CA ALA A 72 -12.56 28.45 -15.86
C ALA A 72 -12.40 28.81 -14.38
N VAL A 73 -13.28 29.66 -13.86
CA VAL A 73 -13.14 30.08 -12.47
C VAL A 73 -13.42 28.92 -11.52
N THR A 74 -14.43 28.09 -11.80
CA THR A 74 -14.71 26.95 -10.93
C THR A 74 -13.73 25.81 -11.12
N ALA A 75 -13.00 25.76 -12.23
CA ALA A 75 -11.91 24.81 -12.37
C ALA A 75 -10.63 25.31 -11.70
N ARG A 76 -10.51 26.62 -11.51
CA ARG A 76 -9.40 27.17 -10.74
C ARG A 76 -9.63 27.13 -9.24
N ILE A 77 -10.87 27.37 -8.80
CA ILE A 77 -11.22 27.24 -7.38
C ILE A 77 -11.34 25.78 -6.96
N GLY A 78 -11.54 24.87 -7.90
CA GLY A 78 -11.67 23.47 -7.57
C GLY A 78 -10.39 22.92 -6.97
N ILE A 79 -9.28 23.00 -7.71
CA ILE A 79 -8.01 22.46 -7.25
C ILE A 79 -7.52 23.13 -5.97
N GLU A 80 -7.90 24.37 -5.72
CA GLU A 80 -7.56 25.02 -4.46
C GLU A 80 -8.33 24.43 -3.28
N LEU A 81 -9.41 23.69 -3.55
CA LEU A 81 -10.11 22.95 -2.52
C LEU A 81 -9.62 21.52 -2.38
N GLY A 82 -8.90 21.00 -3.37
CA GLY A 82 -8.28 19.69 -3.25
C GLY A 82 -6.95 19.80 -2.55
N PHE A 83 -6.19 20.85 -2.87
CA PHE A 83 -4.91 21.10 -2.23
C PHE A 83 -5.11 21.55 -0.78
N ALA A 84 -6.37 21.74 -0.37
CA ALA A 84 -6.66 22.13 1.00
C ALA A 84 -7.43 21.06 1.74
N VAL A 85 -7.79 19.96 1.09
CA VAL A 85 -8.41 18.82 1.75
C VAL A 85 -7.36 17.72 1.88
N LEU A 86 -6.60 17.49 0.82
CA LEU A 86 -5.52 16.51 0.90
C LEU A 86 -4.52 16.87 1.98
N ASN A 87 -4.04 18.12 1.98
CA ASN A 87 -3.11 18.58 3.00
C ASN A 87 -3.69 18.37 4.40
N HIS A 88 -4.92 18.84 4.60
CA HIS A 88 -5.54 18.78 5.92
C HIS A 88 -5.69 17.35 6.41
N THR A 89 -6.26 16.46 5.58
CA THR A 89 -6.49 15.09 6.03
C THR A 89 -5.19 14.33 6.20
N GLN A 90 -4.21 14.52 5.31
CA GLN A 90 -2.95 13.80 5.47
C GLN A 90 -2.25 14.22 6.76
N HIS A 91 -2.22 15.53 7.05
CA HIS A 91 -1.58 15.97 8.28
C HIS A 91 -2.35 15.50 9.50
N ASP A 92 -3.69 15.48 9.41
CA ASP A 92 -4.49 15.01 10.54
C ASP A 92 -4.25 13.54 10.82
N VAL A 93 -4.13 12.73 9.77
CA VAL A 93 -3.88 11.30 9.97
C VAL A 93 -2.47 11.08 10.54
N ALA A 94 -1.48 11.80 10.00
CA ALA A 94 -0.12 11.66 10.49
C ALA A 94 -0.02 12.08 11.95
N ASP A 95 -0.83 13.05 12.38
CA ASP A 95 -0.78 13.48 13.76
C ASP A 95 -1.63 12.59 14.65
N ARG A 96 -2.64 11.92 14.08
CA ARG A 96 -3.51 11.08 14.87
C ARG A 96 -2.87 9.74 15.18
N LEU A 97 -2.15 9.17 14.21
CA LEU A 97 -1.63 7.81 14.36
C LEU A 97 -0.79 7.58 15.61
N PRO A 98 0.15 8.46 16.01
CA PRO A 98 0.97 8.15 17.19
C PRO A 98 0.22 8.24 18.51
N VAL A 99 -1.09 8.47 18.47
CA VAL A 99 -1.90 8.59 19.67
C VAL A 99 -2.95 7.49 19.78
N VAL A 100 -3.28 6.81 18.69
CA VAL A 100 -4.26 5.73 18.73
C VAL A 100 -3.78 4.63 19.66
N ARG A 101 -4.73 3.95 20.30
CA ARG A 101 -4.40 2.87 21.21
C ARG A 101 -3.64 1.76 20.49
N LEU A 102 -2.64 1.21 21.17
CA LEU A 102 -1.82 0.17 20.58
C LEU A 102 -2.59 -1.12 20.31
N ASP A 103 -3.77 -1.30 20.92
CA ASP A 103 -4.60 -2.45 20.66
C ASP A 103 -5.60 -2.19 19.54
N TRP A 104 -5.54 -1.02 18.91
CA TRP A 104 -6.39 -0.76 17.76
C TRP A 104 -5.80 -1.35 16.49
N PHE A 105 -4.47 -1.39 16.40
CA PHE A 105 -3.80 -1.84 15.19
C PHE A 105 -3.88 -3.35 15.05
N THR A 106 -5.06 -3.86 14.67
CA THR A 106 -5.21 -5.28 14.37
C THR A 106 -4.67 -5.56 12.98
N ALA A 107 -4.92 -6.76 12.46
CA ALA A 107 -4.47 -7.11 11.13
C ALA A 107 -5.28 -6.42 10.03
N GLU A 108 -6.51 -6.01 10.32
CA GLU A 108 -7.35 -5.33 9.35
C GLU A 108 -7.44 -3.83 9.59
N ASN A 109 -7.13 -3.37 10.79
CA ASN A 109 -7.05 -1.94 11.08
C ASN A 109 -5.69 -1.36 10.74
N THR A 110 -4.75 -2.21 10.31
CA THR A 110 -3.46 -1.77 9.83
C THR A 110 -3.42 -1.60 8.32
N ALA A 111 -4.05 -2.50 7.57
CA ALA A 111 -4.18 -2.31 6.13
C ALA A 111 -4.96 -1.03 5.83
N THR A 112 -6.00 -0.76 6.62
CA THR A 112 -6.78 0.46 6.44
C THR A 112 -5.91 1.70 6.60
N ALA A 113 -5.12 1.75 7.69
CA ALA A 113 -4.25 2.90 7.92
C ALA A 113 -3.19 3.01 6.84
N ARG A 114 -2.62 1.89 6.42
CA ARG A 114 -1.59 1.92 5.39
C ARG A 114 -2.14 2.43 4.07
N GLN A 115 -3.38 2.03 3.72
CA GLN A 115 -3.99 2.54 2.51
C GLN A 115 -4.34 4.02 2.66
N ALA A 116 -4.77 4.43 3.86
CA ALA A 116 -5.10 5.82 4.08
C ALA A 116 -3.90 6.73 3.90
N ILE A 117 -2.73 6.31 4.38
CA ILE A 117 -1.54 7.15 4.32
C ILE A 117 -0.66 6.83 3.12
N ALA A 118 -1.03 5.84 2.32
CA ALA A 118 -0.22 5.47 1.17
C ALA A 118 -0.95 5.51 -0.17
N ALA A 119 -2.24 5.23 -0.22
CA ALA A 119 -2.97 5.22 -1.47
C ALA A 119 -3.55 6.59 -1.80
N THR A 120 -4.00 7.32 -0.79
CA THR A 120 -4.60 8.63 -1.03
C THR A 120 -3.58 9.60 -1.58
N GLY A 121 -3.64 9.83 -2.88
CA GLY A 121 -2.70 10.67 -3.59
C GLY A 121 -3.43 11.60 -4.54
N PRO A 122 -3.11 11.51 -5.83
CA PRO A 122 -3.80 12.33 -6.83
C PRO A 122 -5.31 12.16 -6.88
N GLU A 123 -5.90 11.26 -6.08
CA GLU A 123 -7.34 11.09 -6.03
C GLU A 123 -7.99 11.85 -4.88
N LEU A 124 -7.21 12.57 -4.07
CA LEU A 124 -7.77 13.56 -3.16
C LEU A 124 -7.61 14.98 -3.65
N VAL A 125 -6.58 15.27 -4.45
CA VAL A 125 -6.47 16.57 -5.10
C VAL A 125 -7.31 16.65 -6.36
N GLY A 126 -7.86 15.53 -6.82
CA GLY A 126 -8.60 15.51 -8.06
C GLY A 126 -9.96 14.86 -7.97
N LEU A 127 -10.63 14.99 -6.83
CA LEU A 127 -12.05 14.66 -6.77
C LEU A 127 -12.93 15.90 -6.71
N VAL A 128 -12.35 17.03 -6.30
CA VAL A 128 -13.12 18.27 -6.23
C VAL A 128 -13.44 18.77 -7.63
N VAL A 129 -12.54 18.58 -8.58
CA VAL A 129 -12.92 18.83 -9.96
C VAL A 129 -13.52 17.56 -10.57
N ASN A 130 -12.70 16.53 -10.76
CA ASN A 130 -13.03 15.38 -11.61
C ASN A 130 -14.33 14.71 -11.22
N LEU A 131 -14.48 14.38 -9.93
CA LEU A 131 -15.66 13.66 -9.50
C LEU A 131 -16.87 14.58 -9.35
N VAL A 132 -16.77 15.60 -8.51
CA VAL A 132 -17.99 16.25 -8.04
C VAL A 132 -18.44 17.34 -9.01
N THR A 133 -17.51 18.03 -9.67
CA THR A 133 -17.95 19.12 -10.54
C THR A 133 -18.76 18.60 -11.73
N PRO A 134 -18.28 17.66 -12.54
CA PRO A 134 -19.12 17.16 -13.63
C PRO A 134 -20.34 16.41 -13.14
N LEU A 135 -20.25 15.75 -11.98
CA LEU A 135 -21.40 15.00 -11.48
C LEU A 135 -22.56 15.94 -11.14
N THR A 136 -22.30 16.95 -10.31
CA THR A 136 -23.37 17.89 -9.98
C THR A 136 -23.81 18.70 -11.19
N SER A 137 -22.87 19.04 -12.07
CA SER A 137 -23.25 19.75 -13.29
C SER A 137 -24.23 18.93 -14.12
N ALA A 138 -23.93 17.65 -14.33
CA ALA A 138 -24.78 16.80 -15.16
C ALA A 138 -26.10 16.51 -14.46
N ILE A 139 -26.09 16.43 -13.13
CA ILE A 139 -27.32 16.23 -12.39
C ILE A 139 -28.23 17.45 -12.52
N LEU A 140 -27.63 18.65 -12.47
CA LEU A 140 -28.43 19.86 -12.48
C LEU A 140 -28.89 20.25 -13.88
N LEU A 141 -28.14 19.85 -14.91
CA LEU A 141 -28.40 20.38 -16.25
C LEU A 141 -29.81 20.08 -16.77
N PRO A 142 -30.32 18.84 -16.71
CA PRO A 142 -31.67 18.60 -17.26
C PRO A 142 -32.76 19.43 -16.59
N ALA A 143 -32.71 19.60 -15.27
CA ALA A 143 -33.74 20.36 -14.58
C ALA A 143 -33.69 21.83 -14.98
N VAL A 144 -32.49 22.41 -15.08
CA VAL A 144 -32.40 23.81 -15.48
C VAL A 144 -32.80 23.98 -16.94
N ILE A 145 -32.46 23.03 -17.81
CA ILE A 145 -32.90 23.10 -19.19
C ILE A 145 -34.42 23.05 -19.27
N ALA A 146 -35.05 22.24 -18.41
CA ALA A 146 -36.51 22.19 -18.42
C ALA A 146 -37.12 23.50 -17.92
N LEU A 147 -36.56 24.06 -16.85
CA LEU A 147 -37.04 25.34 -16.36
C LEU A 147 -36.86 26.46 -17.39
N ALA A 148 -35.84 26.34 -18.25
CA ALA A 148 -35.64 27.33 -19.30
C ALA A 148 -36.51 27.04 -20.51
N LEU A 149 -36.94 25.78 -20.68
CA LEU A 149 -37.87 25.46 -21.75
C LEU A 149 -39.29 25.87 -21.40
N LEU A 150 -39.56 26.06 -20.11
CA LEU A 150 -40.89 26.53 -19.69
C LEU A 150 -41.36 27.80 -20.39
N PRO A 151 -40.53 28.86 -20.57
CA PRO A 151 -41.03 30.06 -21.26
C PRO A 151 -41.50 29.82 -22.69
N ILE A 152 -40.83 28.94 -23.43
CA ILE A 152 -41.25 28.61 -24.79
C ILE A 152 -42.66 28.02 -24.77
N SER A 153 -42.85 26.97 -23.97
CA SER A 153 -44.16 26.38 -23.73
C SER A 153 -44.05 25.52 -22.49
N TRP A 154 -45.11 25.52 -21.68
CA TRP A 154 -45.04 24.83 -20.39
C TRP A 154 -45.12 23.32 -20.57
N GLN A 155 -45.71 22.85 -21.67
CA GLN A 155 -45.79 21.42 -21.91
C GLN A 155 -44.41 20.80 -21.99
N LEU A 156 -43.47 21.44 -22.70
CA LEU A 156 -42.12 20.91 -22.74
C LEU A 156 -41.40 21.05 -21.42
N GLY A 157 -41.68 22.10 -20.65
CA GLY A 157 -41.12 22.20 -19.32
C GLY A 157 -41.51 21.02 -18.45
N VAL A 158 -42.81 20.69 -18.42
CA VAL A 158 -43.25 19.58 -17.59
C VAL A 158 -42.95 18.23 -18.22
N ALA A 159 -42.61 18.21 -19.50
CA ALA A 159 -42.20 16.95 -20.13
C ALA A 159 -40.71 16.69 -19.90
N ALA A 160 -39.93 17.75 -19.67
CA ALA A 160 -38.51 17.57 -19.41
C ALA A 160 -38.21 17.53 -17.92
N LEU A 161 -39.08 18.06 -17.07
CA LEU A 161 -38.97 17.79 -15.63
C LEU A 161 -39.10 16.30 -15.36
N ALA A 162 -39.97 15.62 -16.10
CA ALA A 162 -40.20 14.19 -15.89
C ALA A 162 -38.97 13.36 -16.20
N GLY A 163 -37.92 13.97 -16.74
CA GLY A 163 -36.75 13.22 -17.12
C GLY A 163 -35.74 13.06 -16.00
N VAL A 164 -35.67 14.05 -15.10
CA VAL A 164 -34.67 14.03 -14.03
C VAL A 164 -34.97 12.99 -12.96
N PRO A 165 -36.26 12.67 -12.61
CA PRO A 165 -36.46 11.56 -11.66
C PRO A 165 -35.95 10.26 -12.24
N LEU A 166 -36.07 10.11 -13.56
CA LEU A 166 -35.55 8.92 -14.23
C LEU A 166 -34.05 8.82 -14.05
N LEU A 167 -33.33 9.91 -14.25
CA LEU A 167 -31.87 9.89 -14.09
C LEU A 167 -31.49 9.61 -12.64
N LEU A 168 -32.18 10.23 -11.69
CA LEU A 168 -31.88 9.98 -10.28
C LEU A 168 -32.11 8.51 -9.92
N GLY A 169 -33.24 7.96 -10.35
CA GLY A 169 -33.52 6.56 -10.05
C GLY A 169 -32.54 5.61 -10.73
N ALA A 170 -32.12 5.95 -11.96
CA ALA A 170 -31.13 5.13 -12.63
C ALA A 170 -29.81 5.15 -11.89
N LEU A 171 -29.39 6.32 -11.41
CA LEU A 171 -28.17 6.40 -10.60
C LEU A 171 -28.30 5.56 -9.34
N TRP A 172 -29.42 5.72 -8.63
CA TRP A 172 -29.62 4.99 -7.38
C TRP A 172 -29.56 3.48 -7.60
N ALA A 173 -30.30 2.99 -8.60
CA ALA A 173 -30.35 1.55 -8.83
C ALA A 173 -29.03 1.02 -9.35
N SER A 174 -28.33 1.80 -10.18
CA SER A 174 -27.02 1.37 -10.65
C SER A 174 -26.04 1.24 -9.49
N ALA A 175 -26.06 2.20 -8.56
CA ALA A 175 -25.17 2.12 -7.40
C ALA A 175 -25.63 1.09 -6.37
N ALA A 176 -26.90 0.67 -6.41
CA ALA A 176 -27.42 -0.28 -5.45
C ALA A 176 -27.33 -1.72 -5.92
N PHE A 177 -27.24 -1.94 -7.23
CA PHE A 177 -27.04 -3.28 -7.78
C PHE A 177 -25.63 -3.80 -7.55
N ALA A 178 -24.61 -2.94 -7.70
CA ALA A 178 -23.24 -3.42 -7.70
C ALA A 178 -22.59 -3.34 -6.32
N ARG A 179 -23.21 -2.58 -5.42
CA ARG A 179 -22.69 -2.23 -4.07
C ARG A 179 -22.08 -3.37 -3.28
N ARG A 180 -22.66 -4.54 -3.27
CA ARG A 180 -22.10 -5.67 -2.52
C ARG A 180 -20.87 -6.23 -3.20
N ALA A 181 -20.96 -6.46 -4.52
CA ALA A 181 -19.81 -6.95 -5.26
C ALA A 181 -18.65 -5.96 -5.20
N ASP A 182 -18.95 -4.67 -5.16
CA ASP A 182 -17.92 -3.64 -5.08
C ASP A 182 -17.19 -3.68 -3.74
N THR A 183 -17.93 -3.78 -2.64
CA THR A 183 -17.27 -3.85 -1.34
C THR A 183 -16.51 -5.17 -1.19
N ALA A 184 -17.00 -6.24 -1.83
CA ALA A 184 -16.26 -7.50 -1.81
C ALA A 184 -14.97 -7.40 -2.60
N ALA A 185 -15.00 -6.71 -3.75
CA ALA A 185 -13.79 -6.49 -4.53
C ALA A 185 -12.80 -5.63 -3.75
N ASP A 186 -13.31 -4.65 -3.01
CA ASP A 186 -12.43 -3.82 -2.18
C ASP A 186 -11.74 -4.67 -1.11
N LYS A 187 -12.51 -5.49 -0.40
CA LYS A 187 -11.92 -6.38 0.60
C LYS A 187 -10.89 -7.32 -0.03
N ALA A 188 -11.19 -7.86 -1.22
CA ALA A 188 -10.26 -8.77 -1.88
C ALA A 188 -8.97 -8.06 -2.26
N ASN A 189 -9.06 -6.83 -2.77
CA ASN A 189 -7.86 -6.07 -3.10
C ASN A 189 -7.03 -5.81 -1.86
N THR A 190 -7.67 -5.40 -0.76
CA THR A 190 -6.93 -5.16 0.47
C THR A 190 -6.23 -6.42 0.96
N ALA A 191 -6.93 -7.56 0.95
CA ALA A 191 -6.31 -8.80 1.38
C ALA A 191 -5.15 -9.18 0.47
N LEU A 192 -5.28 -8.93 -0.84
CA LEU A 192 -4.19 -9.25 -1.75
C LEU A 192 -2.96 -8.42 -1.46
N THR A 193 -3.14 -7.11 -1.25
CA THR A 193 -1.98 -6.27 -0.95
C THR A 193 -1.34 -6.64 0.38
N GLU A 194 -2.15 -7.00 1.38
CA GLU A 194 -1.59 -7.42 2.66
C GLU A 194 -0.80 -8.71 2.51
N ARG A 195 -1.32 -9.68 1.75
CA ARG A 195 -0.60 -10.92 1.52
C ARG A 195 0.68 -10.67 0.74
N ILE A 196 0.67 -9.71 -0.20
CA ILE A 196 1.87 -9.40 -0.96
C ILE A 196 2.93 -8.80 -0.06
N ILE A 197 2.53 -7.90 0.84
CA ILE A 197 3.48 -7.31 1.77
C ILE A 197 4.06 -8.38 2.68
N GLU A 198 3.23 -9.28 3.18
CA GLU A 198 3.73 -10.36 4.02
C GLU A 198 4.68 -11.27 3.25
N PHE A 199 4.37 -11.57 2.00
CA PHE A 199 5.21 -12.42 1.18
C PHE A 199 6.56 -11.77 0.90
N ALA A 200 6.57 -10.44 0.72
CA ALA A 200 7.83 -9.73 0.51
C ALA A 200 8.60 -9.54 1.80
N ARG A 201 7.94 -9.55 2.95
CA ARG A 201 8.61 -9.34 4.23
C ARG A 201 9.20 -10.64 4.78
N THR A 202 8.35 -11.64 5.00
CA THR A 202 8.79 -12.92 5.55
C THR A 202 9.00 -13.90 4.40
N GLN A 203 10.07 -13.68 3.64
CA GLN A 203 10.35 -14.47 2.45
C GLN A 203 11.24 -15.68 2.74
N GLN A 204 12.19 -15.58 3.65
CA GLN A 204 13.04 -16.70 3.97
C GLN A 204 12.28 -17.86 4.61
N ALA A 205 11.35 -17.58 5.51
CA ALA A 205 10.53 -18.63 6.10
C ALA A 205 9.68 -19.31 5.05
N LEU A 206 9.04 -18.52 4.17
CA LEU A 206 8.20 -19.07 3.14
C LEU A 206 9.00 -19.95 2.17
N ARG A 207 10.22 -19.51 1.85
CA ARG A 207 11.08 -20.31 0.96
C ARG A 207 11.49 -21.61 1.64
N ALA A 208 12.00 -21.52 2.86
CA ALA A 208 12.44 -22.71 3.59
C ALA A 208 11.29 -23.67 3.86
N ALA A 209 10.04 -23.19 3.87
CA ALA A 209 8.88 -24.05 4.00
C ALA A 209 8.26 -24.36 2.65
N ARG A 210 8.98 -24.06 1.56
CA ARG A 210 8.53 -24.20 0.18
C ARG A 210 7.06 -23.84 0.00
N ARG A 211 6.70 -22.61 0.38
CA ARG A 211 5.36 -22.10 0.18
C ARG A 211 5.38 -20.84 -0.66
N VAL A 212 6.17 -20.83 -1.73
CA VAL A 212 6.40 -19.62 -2.50
C VAL A 212 5.84 -19.74 -3.91
N GLU A 213 5.75 -20.95 -4.43
CA GLU A 213 5.14 -21.12 -5.74
C GLU A 213 3.64 -20.87 -5.65
N PRO A 214 3.05 -20.16 -6.60
CA PRO A 214 1.65 -19.75 -6.47
C PRO A 214 0.66 -20.90 -6.39
N ALA A 215 1.08 -22.13 -6.69
CA ALA A 215 0.19 -23.27 -6.52
C ALA A 215 -0.15 -23.52 -5.06
N ARG A 216 0.78 -23.16 -4.17
CA ARG A 216 0.56 -23.41 -2.72
C ARG A 216 0.85 -22.15 -1.88
N SER A 217 1.16 -21.01 -2.51
CA SER A 217 1.42 -19.82 -1.74
C SER A 217 0.17 -19.37 -0.99
N LEU A 218 0.38 -18.66 0.11
CA LEU A 218 -0.72 -17.98 0.77
C LEU A 218 -1.19 -16.77 -0.01
N VAL A 219 -0.36 -16.27 -0.93
CA VAL A 219 -0.74 -15.14 -1.78
C VAL A 219 -1.39 -15.59 -3.08
N GLY A 220 -1.15 -16.82 -3.53
CA GLY A 220 -1.85 -17.31 -4.71
C GLY A 220 -3.33 -17.43 -4.49
N ASN A 221 -3.75 -17.88 -3.31
CA ASN A 221 -5.17 -17.96 -3.00
C ASN A 221 -5.80 -16.57 -2.92
N ALA A 222 -5.06 -15.62 -2.33
CA ALA A 222 -5.56 -14.24 -2.27
C ALA A 222 -5.71 -13.67 -3.67
N LEU A 223 -4.76 -13.96 -4.56
CA LEU A 223 -4.87 -13.48 -5.93
C LEU A 223 -6.04 -14.11 -6.67
N ALA A 224 -6.27 -15.41 -6.47
CA ALA A 224 -7.41 -16.07 -7.10
C ALA A 224 -8.72 -15.47 -6.62
N SER A 225 -8.86 -15.28 -5.31
CA SER A 225 -10.08 -14.67 -4.78
C SER A 225 -10.25 -13.23 -5.26
N GLN A 226 -9.15 -12.49 -5.39
CA GLN A 226 -9.23 -11.13 -5.92
C GLN A 226 -9.72 -11.13 -7.36
N HIS A 227 -9.24 -12.09 -8.16
CA HIS A 227 -9.68 -12.16 -9.54
C HIS A 227 -11.17 -12.48 -9.63
N THR A 228 -11.62 -13.47 -8.85
CA THR A 228 -13.04 -13.79 -8.89
C THR A 228 -13.89 -12.62 -8.42
N ALA A 229 -13.44 -11.90 -7.39
CA ALA A 229 -14.18 -10.74 -6.92
C ALA A 229 -14.28 -9.66 -7.98
N THR A 230 -13.19 -9.38 -8.70
CA THR A 230 -13.24 -8.38 -9.75
C THR A 230 -14.08 -8.82 -10.94
N MET A 231 -14.08 -10.11 -11.27
CA MET A 231 -14.96 -10.57 -12.35
C MET A 231 -16.42 -10.45 -11.94
N ARG A 232 -16.74 -10.76 -10.69
CA ARG A 232 -18.10 -10.59 -10.22
C ARG A 232 -18.51 -9.12 -10.24
N LEU A 233 -17.57 -8.23 -9.91
CA LEU A 233 -17.87 -6.81 -9.96
C LEU A 233 -18.14 -6.34 -11.40
N LEU A 234 -17.30 -6.78 -12.33
CA LEU A 234 -17.54 -6.45 -13.74
C LEU A 234 -18.89 -6.95 -14.20
N GLY A 235 -19.26 -8.16 -13.78
CA GLY A 235 -20.55 -8.71 -14.19
C GLY A 235 -21.72 -7.97 -13.58
N MET A 236 -21.57 -7.51 -12.34
CA MET A 236 -22.66 -6.82 -11.67
C MET A 236 -22.77 -5.35 -12.06
N GLN A 237 -21.74 -4.78 -12.69
CA GLN A 237 -21.81 -3.38 -13.05
C GLN A 237 -22.71 -3.11 -14.25
N ILE A 238 -22.92 -4.08 -15.13
CA ILE A 238 -23.61 -3.86 -16.40
C ILE A 238 -25.11 -3.60 -16.27
N PRO A 239 -25.84 -4.15 -15.26
CA PRO A 239 -27.24 -3.73 -15.11
C PRO A 239 -27.39 -2.22 -14.97
N GLY A 240 -26.43 -1.56 -14.33
CA GLY A 240 -26.47 -0.11 -14.25
C GLY A 240 -26.40 0.54 -15.61
N GLN A 241 -25.52 0.03 -16.47
CA GLN A 241 -25.41 0.59 -17.82
C GLN A 241 -26.67 0.36 -18.64
N LEU A 242 -27.24 -0.85 -18.58
CA LEU A 242 -28.49 -1.10 -19.27
C LEU A 242 -29.61 -0.20 -18.75
N LEU A 243 -29.65 0.03 -17.44
CA LEU A 243 -30.70 0.87 -16.88
C LEU A 243 -30.52 2.33 -17.28
N PHE A 244 -29.27 2.80 -17.33
CA PHE A 244 -29.01 4.14 -17.85
C PHE A 244 -29.44 4.28 -19.30
N SER A 245 -29.16 3.27 -20.14
CA SER A 245 -29.60 3.32 -21.52
C SER A 245 -31.12 3.35 -21.62
N ILE A 246 -31.81 2.54 -20.81
CA ILE A 246 -33.27 2.54 -20.85
C ILE A 246 -33.83 3.89 -20.41
N ALA A 247 -33.26 4.47 -19.36
CA ALA A 247 -33.70 5.79 -18.91
C ALA A 247 -33.52 6.82 -20.01
N SER A 248 -32.35 6.83 -20.64
CA SER A 248 -32.11 7.74 -21.76
C SER A 248 -33.15 7.57 -22.85
N GLN A 249 -33.40 6.32 -23.25
CA GLN A 249 -34.31 6.07 -24.36
C GLN A 249 -35.72 6.54 -24.04
N LEU A 250 -36.21 6.23 -22.84
CA LEU A 250 -37.60 6.57 -22.56
C LEU A 250 -37.78 8.05 -22.28
N ALA A 251 -36.78 8.72 -21.69
CA ALA A 251 -36.86 10.16 -21.56
C ALA A 251 -36.84 10.85 -22.91
N LEU A 252 -35.99 10.37 -23.83
CA LEU A 252 -36.00 10.89 -25.19
C LEU A 252 -37.35 10.67 -25.85
N ILE A 253 -37.98 9.53 -25.60
CA ILE A 253 -39.27 9.25 -26.21
C ILE A 253 -40.33 10.21 -25.67
N VAL A 254 -40.31 10.49 -24.37
CA VAL A 254 -41.27 11.43 -23.81
C VAL A 254 -41.09 12.82 -24.40
N LEU A 255 -39.83 13.29 -24.46
CA LEU A 255 -39.58 14.61 -25.03
C LEU A 255 -39.99 14.69 -26.49
N ALA A 256 -39.61 13.69 -27.29
CA ALA A 256 -39.95 13.68 -28.70
C ALA A 256 -41.46 13.60 -28.91
N GLY A 257 -42.17 12.85 -28.09
CA GLY A 257 -43.61 12.80 -28.20
C GLY A 257 -44.26 14.14 -27.91
N THR A 258 -43.81 14.80 -26.84
CA THR A 258 -44.36 16.12 -26.54
C THR A 258 -44.07 17.11 -27.65
N THR A 259 -42.85 17.07 -28.20
CA THR A 259 -42.49 18.01 -29.26
C THR A 259 -43.29 17.75 -30.52
N ALA A 260 -43.43 16.48 -30.93
CA ALA A 260 -44.24 16.18 -32.10
C ALA A 260 -45.69 16.58 -31.91
N ALA A 261 -46.25 16.33 -30.72
CA ALA A 261 -47.63 16.71 -30.47
C ALA A 261 -47.82 18.21 -30.54
N LEU A 262 -46.89 18.97 -29.95
CA LEU A 262 -47.04 20.42 -29.94
C LEU A 262 -46.79 21.01 -31.32
N THR A 263 -45.95 20.37 -32.13
CA THR A 263 -45.78 20.84 -33.50
C THR A 263 -47.04 20.56 -34.32
N ILE A 264 -47.62 19.38 -34.17
CA ILE A 264 -48.79 19.01 -34.97
C ILE A 264 -49.99 19.88 -34.61
N THR A 265 -50.23 20.08 -33.31
CA THR A 265 -51.43 20.80 -32.90
C THR A 265 -51.43 22.22 -33.45
N GLY A 266 -50.26 22.84 -33.53
CA GLY A 266 -50.18 24.17 -34.12
C GLY A 266 -49.40 25.18 -33.30
N THR A 267 -48.84 24.77 -32.17
CA THR A 267 -48.12 25.71 -31.32
C THR A 267 -46.75 26.03 -31.89
N LEU A 268 -45.89 25.02 -31.99
CA LEU A 268 -44.56 25.23 -32.54
C LEU A 268 -44.59 25.21 -34.06
N THR A 269 -43.75 26.02 -34.70
CA THR A 269 -43.56 25.94 -36.13
C THR A 269 -42.54 24.86 -36.44
N VAL A 270 -42.28 24.63 -37.73
CA VAL A 270 -41.31 23.63 -38.14
C VAL A 270 -39.88 24.14 -37.90
N PRO A 271 -39.56 25.40 -38.18
CA PRO A 271 -38.22 25.89 -37.80
C PRO A 271 -37.90 25.73 -36.32
N GLU A 272 -38.90 25.75 -35.44
CA GLU A 272 -38.62 25.63 -34.02
C GLU A 272 -38.34 24.19 -33.60
N ALA A 273 -39.11 23.22 -34.11
CA ALA A 273 -38.91 21.83 -33.71
C ALA A 273 -37.53 21.32 -34.08
N ILE A 274 -36.96 21.80 -35.19
CA ILE A 274 -35.62 21.39 -35.57
C ILE A 274 -34.60 21.86 -34.54
N ALA A 275 -34.79 23.06 -33.98
CA ALA A 275 -33.89 23.51 -32.93
C ALA A 275 -34.15 22.78 -31.62
N LEU A 276 -35.40 22.43 -31.35
CA LEU A 276 -35.72 21.62 -30.18
C LEU A 276 -35.07 20.24 -30.25
N ILE A 277 -34.86 19.70 -31.45
CA ILE A 277 -34.14 18.43 -31.54
C ILE A 277 -32.71 18.57 -31.03
N VAL A 278 -32.02 19.65 -31.40
CA VAL A 278 -30.68 19.89 -30.89
C VAL A 278 -30.72 20.11 -29.38
N VAL A 279 -31.72 20.86 -28.91
CA VAL A 279 -31.87 21.11 -27.49
C VAL A 279 -32.01 19.78 -26.73
N MET A 280 -32.80 18.85 -27.28
CA MET A 280 -33.01 17.60 -26.57
C MET A 280 -31.79 16.68 -26.67
N VAL A 281 -30.99 16.79 -27.74
CA VAL A 281 -29.72 16.08 -27.75
C VAL A 281 -28.82 16.56 -26.63
N ARG A 282 -28.68 17.89 -26.50
CA ARG A 282 -27.92 18.44 -25.39
C ARG A 282 -28.51 18.00 -24.05
N TYR A 283 -29.83 17.85 -23.99
CA TYR A 283 -30.49 17.38 -22.78
C TYR A 283 -30.09 15.94 -22.47
N LEU A 284 -29.97 15.10 -23.49
CA LEU A 284 -29.69 13.69 -23.27
C LEU A 284 -28.22 13.45 -22.95
N GLU A 285 -27.34 14.39 -23.29
CA GLU A 285 -25.92 14.13 -23.03
C GLU A 285 -25.57 13.89 -21.55
N PRO A 286 -26.13 14.63 -20.57
CA PRO A 286 -25.83 14.33 -19.16
C PRO A 286 -26.11 12.89 -18.75
N PHE A 287 -27.12 12.29 -19.36
CA PHE A 287 -27.45 10.90 -19.07
C PHE A 287 -26.27 9.98 -19.37
N THR A 288 -25.59 10.22 -20.49
CA THR A 288 -24.41 9.45 -20.82
C THR A 288 -23.17 9.98 -20.13
N ALA A 289 -23.25 11.15 -19.49
CA ALA A 289 -22.11 11.66 -18.75
C ALA A 289 -22.04 11.09 -17.34
N VAL A 290 -23.19 10.76 -16.75
CA VAL A 290 -23.21 10.25 -15.38
C VAL A 290 -22.82 8.77 -15.30
N SER A 291 -23.01 8.02 -16.39
CA SER A 291 -22.69 6.60 -16.39
C SER A 291 -21.20 6.37 -16.19
N GLU A 292 -20.37 7.30 -16.64
CA GLU A 292 -18.93 7.18 -16.42
C GLU A 292 -18.56 7.54 -14.98
N LEU A 293 -19.32 8.44 -14.37
CA LEU A 293 -18.92 8.98 -13.07
C LEU A 293 -19.39 8.10 -11.94
N ALA A 294 -20.35 7.21 -12.19
CA ALA A 294 -20.82 6.34 -11.11
C ALA A 294 -19.72 5.47 -10.48
N PRO A 295 -18.89 4.74 -11.26
CA PRO A 295 -17.86 3.90 -10.64
C PRO A 295 -16.84 4.68 -9.83
N ALA A 296 -16.39 5.80 -10.38
CA ALA A 296 -15.49 6.68 -9.64
C ALA A 296 -16.16 7.17 -8.36
N LEU A 297 -17.47 7.39 -8.41
CA LEU A 297 -18.19 7.78 -7.20
C LEU A 297 -18.07 6.71 -6.12
N GLU A 298 -18.28 5.44 -6.48
CA GLU A 298 -18.15 4.39 -5.48
C GLU A 298 -16.71 4.27 -4.98
N SER A 299 -15.74 4.44 -5.88
CA SER A 299 -14.33 4.35 -5.47
C SER A 299 -13.96 5.42 -4.46
N THR A 300 -14.33 6.68 -4.73
CA THR A 300 -14.06 7.72 -3.76
C THR A 300 -14.86 7.52 -2.48
N ARG A 301 -16.04 6.92 -2.56
CA ARG A 301 -16.76 6.56 -1.34
C ARG A 301 -15.91 5.64 -0.48
N ALA A 302 -15.34 4.60 -1.07
CA ALA A 302 -14.49 3.68 -0.31
C ALA A 302 -13.28 4.39 0.27
N THR A 303 -12.63 5.24 -0.53
CA THR A 303 -11.44 5.94 -0.06
C THR A 303 -11.75 6.84 1.13
N LEU A 304 -12.80 7.65 1.03
CA LEU A 304 -13.17 8.53 2.14
C LEU A 304 -13.60 7.73 3.35
N GLY A 305 -14.22 6.56 3.12
CA GLY A 305 -14.55 5.70 4.26
C GLY A 305 -13.32 5.23 5.01
N ARG A 306 -12.28 4.84 4.26
CA ARG A 306 -11.02 4.46 4.89
C ARG A 306 -10.42 5.61 5.68
N ILE A 307 -10.37 6.79 5.07
CA ILE A 307 -9.79 7.95 5.76
C ILE A 307 -10.57 8.28 7.02
N GLY A 308 -11.89 8.22 6.96
CA GLY A 308 -12.69 8.51 8.14
C GLY A 308 -12.53 7.48 9.22
N SER A 309 -12.44 6.20 8.85
CA SER A 309 -12.22 5.16 9.85
C SER A 309 -10.89 5.37 10.55
N VAL A 310 -9.88 5.82 9.81
CA VAL A 310 -8.60 6.13 10.46
C VAL A 310 -8.72 7.34 11.36
N LEU A 311 -9.42 8.38 10.91
CA LEU A 311 -9.52 9.63 11.67
C LEU A 311 -10.46 9.52 12.86
N THR A 312 -11.23 8.45 12.98
CA THR A 312 -12.13 8.25 14.11
C THR A 312 -11.67 7.03 14.93
N ALA A 313 -10.37 6.94 15.18
CA ALA A 313 -9.80 5.86 15.96
C ALA A 313 -9.73 6.25 17.43
N PRO A 314 -9.82 5.28 18.34
CA PRO A 314 -9.79 5.59 19.78
C PRO A 314 -8.38 5.98 20.22
N VAL A 315 -8.23 7.24 20.65
CA VAL A 315 -6.93 7.73 21.06
C VAL A 315 -6.65 7.31 22.50
N MET A 316 -5.36 7.28 22.85
CA MET A 316 -4.96 6.97 24.21
C MET A 316 -5.35 8.11 25.14
N VAL A 317 -5.58 7.78 26.40
CA VAL A 317 -5.98 8.76 27.38
C VAL A 317 -4.77 9.59 27.82
N ALA A 318 -5.01 10.86 28.12
CA ALA A 318 -3.95 11.76 28.53
C ALA A 318 -4.57 12.95 29.24
N GLY A 319 -4.01 13.31 30.38
CA GLY A 319 -4.52 14.42 31.16
C GLY A 319 -4.00 15.76 30.69
N SER A 320 -3.64 16.63 31.64
CA SER A 320 -3.09 17.93 31.29
C SER A 320 -1.91 18.32 32.17
N GLY A 321 -1.46 17.45 33.07
CA GLY A 321 -0.32 17.76 33.90
C GLY A 321 0.97 17.77 33.13
N THR A 322 2.01 18.29 33.78
CA THR A 322 3.34 18.39 33.18
C THR A 322 4.36 18.04 34.25
N TRP A 323 5.63 18.32 33.96
CA TRP A 323 6.73 17.97 34.84
C TRP A 323 7.28 19.21 35.54
N ARG A 324 8.15 18.97 36.52
CA ARG A 324 8.89 20.03 37.19
C ARG A 324 10.30 20.09 36.58
N ASP A 325 10.38 20.64 35.37
CA ASP A 325 11.71 20.61 34.72
C ASP A 325 11.99 19.13 34.56
N GLY A 326 11.33 18.49 33.59
CA GLY A 326 11.44 17.03 33.37
C GLY A 326 11.10 16.27 34.63
N ALA A 327 11.82 15.20 34.93
CA ALA A 327 11.60 14.54 36.22
C ALA A 327 12.72 15.02 37.15
N VAL A 328 13.65 14.14 37.55
CA VAL A 328 14.91 14.30 38.37
C VAL A 328 15.24 12.95 38.97
N VAL A 329 15.61 12.00 38.11
CA VAL A 329 15.97 10.62 38.49
C VAL A 329 14.83 10.00 39.29
N PRO A 330 13.65 9.77 38.69
CA PRO A 330 12.44 9.55 39.49
C PRO A 330 12.36 8.20 40.18
N ARG A 331 11.27 7.96 40.91
CA ARG A 331 10.99 6.68 41.55
C ARG A 331 9.73 6.10 40.94
N ILE A 332 9.88 5.02 40.16
CA ILE A 332 8.72 4.35 39.60
C ILE A 332 8.00 3.58 40.69
N GLU A 333 6.70 3.38 40.52
CA GLU A 333 5.90 2.69 41.53
C GLU A 333 4.62 2.19 40.91
N PHE A 334 4.30 0.92 41.16
CA PHE A 334 3.04 0.32 40.75
C PHE A 334 2.07 0.36 41.93
N ASP A 335 0.83 0.74 41.66
CA ASP A 335 -0.20 0.84 42.68
C ASP A 335 -1.36 -0.08 42.30
N ASP A 336 -1.25 -1.35 42.68
CA ASP A 336 -2.30 -2.35 42.45
C ASP A 336 -2.70 -2.40 40.98
N VAL A 337 -1.68 -2.49 40.12
CA VAL A 337 -1.90 -2.48 38.67
C VAL A 337 -2.48 -3.81 38.21
N ALA A 338 -3.28 -3.77 37.15
CA ALA A 338 -3.84 -4.98 36.56
C ALA A 338 -4.11 -4.69 35.10
N PHE A 339 -3.60 -5.53 34.21
CA PHE A 339 -3.67 -5.23 32.78
C PHE A 339 -3.79 -6.53 32.00
N GLY A 340 -4.86 -6.65 31.23
CA GLY A 340 -5.01 -7.74 30.29
C GLY A 340 -5.07 -7.21 28.87
N TYR A 341 -4.57 -8.00 27.93
CA TYR A 341 -4.55 -7.55 26.55
C TYR A 341 -5.95 -7.63 25.93
N ASP A 342 -6.15 -6.84 24.88
CA ASP A 342 -7.48 -6.67 24.31
C ASP A 342 -8.03 -8.00 23.80
N GLY A 343 -7.39 -8.56 22.78
CA GLY A 343 -7.81 -9.85 22.27
C GLY A 343 -6.93 -10.98 22.78
N GLY A 344 -7.40 -11.70 23.78
CA GLY A 344 -6.59 -12.78 24.31
C GLY A 344 -7.21 -13.37 25.55
N SER A 345 -6.36 -13.98 26.36
CA SER A 345 -6.77 -14.66 27.58
C SER A 345 -7.05 -13.65 28.68
N GLY A 346 -7.16 -14.13 29.92
CA GLY A 346 -7.43 -13.26 31.03
C GLY A 346 -6.30 -12.28 31.31
N PRO A 347 -6.28 -11.70 32.50
CA PRO A 347 -5.31 -10.64 32.79
C PRO A 347 -3.90 -11.19 32.94
N VAL A 348 -2.95 -10.49 32.32
CA VAL A 348 -1.54 -10.82 32.46
C VAL A 348 -1.13 -10.52 33.91
N LEU A 349 -1.23 -9.25 34.30
CA LEU A 349 -1.03 -8.88 35.68
C LEU A 349 -2.38 -8.73 36.38
N ASP A 350 -2.36 -8.87 37.70
CA ASP A 350 -3.58 -8.67 38.49
C ASP A 350 -3.14 -8.28 39.90
N GLY A 351 -3.22 -6.99 40.20
CA GLY A 351 -2.90 -6.51 41.53
C GLY A 351 -1.45 -6.62 41.91
N VAL A 352 -0.54 -6.27 41.00
CA VAL A 352 0.89 -6.27 41.25
C VAL A 352 1.27 -4.91 41.80
N SER A 353 1.98 -4.88 42.92
CA SER A 353 2.33 -3.64 43.59
C SER A 353 3.77 -3.70 44.08
N PHE A 354 4.53 -2.65 43.77
CA PHE A 354 5.91 -2.51 44.22
C PHE A 354 6.31 -1.06 44.04
N CYS A 355 7.46 -0.70 44.62
CA CYS A 355 7.97 0.66 44.55
C CYS A 355 9.46 0.61 44.27
N LEU A 356 9.88 1.15 43.13
CA LEU A 356 11.28 1.18 42.78
C LEU A 356 11.93 2.46 43.31
N GLN A 357 13.09 2.31 43.92
CA GLN A 357 13.81 3.44 44.50
C GLN A 357 14.39 4.28 43.37
N PRO A 358 14.73 5.54 43.65
CA PRO A 358 15.25 6.40 42.58
C PRO A 358 16.75 6.29 42.40
N GLY A 359 17.20 6.15 41.14
CA GLY A 359 18.60 6.03 40.85
C GLY A 359 19.18 4.71 41.28
N THR A 360 18.46 3.63 41.03
CA THR A 360 18.92 2.29 41.35
C THR A 360 18.61 1.33 40.20
N THR A 361 19.53 0.42 39.91
CA THR A 361 19.27 -0.60 38.91
C THR A 361 18.44 -1.73 39.52
N THR A 362 17.48 -2.22 38.74
CA THR A 362 16.55 -3.23 39.21
C THR A 362 16.33 -4.26 38.12
N ALA A 363 16.51 -5.53 38.44
CA ALA A 363 16.37 -6.60 37.47
C ALA A 363 15.00 -7.26 37.60
N ILE A 364 14.52 -7.78 36.47
CA ILE A 364 13.23 -8.48 36.43
C ILE A 364 13.42 -9.80 35.72
N VAL A 365 13.62 -10.87 36.48
CA VAL A 365 13.81 -12.20 35.91
C VAL A 365 12.54 -13.02 36.08
N GLY A 366 12.43 -14.12 35.34
CA GLY A 366 11.27 -14.96 35.42
C GLY A 366 11.16 -15.88 34.22
N PRO A 367 10.21 -16.81 34.28
CA PRO A 367 9.99 -17.73 33.15
C PRO A 367 9.57 -17.00 31.88
N SER A 368 9.46 -17.73 30.77
CA SER A 368 9.05 -17.14 29.52
C SER A 368 7.55 -16.93 29.50
N GLY A 369 7.13 -15.79 28.96
CA GLY A 369 5.71 -15.46 28.94
C GLY A 369 5.10 -15.29 30.31
N CYS A 370 5.78 -14.61 31.22
CA CYS A 370 5.33 -14.44 32.60
C CYS A 370 5.11 -12.97 32.92
N GLY A 371 4.85 -12.17 31.89
CA GLY A 371 4.54 -10.77 32.09
C GLY A 371 5.72 -9.90 32.49
N LYS A 372 6.68 -9.73 31.59
CA LYS A 372 7.81 -8.85 31.82
C LYS A 372 7.90 -7.72 30.80
N SER A 373 7.86 -8.03 29.51
CA SER A 373 7.78 -7.02 28.48
C SER A 373 6.43 -6.31 28.48
N THR A 374 5.51 -6.72 29.35
CA THR A 374 4.30 -5.94 29.57
C THR A 374 4.45 -5.04 30.79
N ILE A 375 5.23 -5.46 31.78
CA ILE A 375 5.59 -4.55 32.87
C ILE A 375 6.41 -3.39 32.34
N LEU A 376 7.35 -3.67 31.43
CA LEU A 376 8.13 -2.59 30.84
C LEU A 376 7.26 -1.66 30.00
N ALA A 377 6.28 -2.19 29.28
CA ALA A 377 5.38 -1.36 28.50
C ALA A 377 4.42 -0.57 29.36
N LEU A 378 4.05 -1.08 30.54
CA LEU A 378 3.24 -0.28 31.46
C LEU A 378 4.07 0.82 32.12
N ILE A 379 5.33 0.54 32.44
CA ILE A 379 6.19 1.58 33.00
C ILE A 379 6.43 2.69 31.97
N ALA A 380 6.77 2.30 30.74
CA ALA A 380 7.04 3.28 29.69
C ALA A 380 5.84 4.17 29.43
N GLY A 381 4.66 3.57 29.33
CA GLY A 381 3.45 4.32 29.07
C GLY A 381 2.79 3.92 27.78
N LEU A 382 3.32 2.89 27.14
CA LEU A 382 2.76 2.39 25.90
C LEU A 382 1.43 1.68 26.09
N HIS A 383 1.07 1.33 27.32
CA HIS A 383 -0.17 0.64 27.62
C HIS A 383 -0.78 1.24 28.87
N GLN A 384 -2.05 1.59 28.81
CA GLN A 384 -2.73 2.04 30.00
C GLN A 384 -3.27 0.84 30.78
N PRO A 385 -3.08 0.80 32.09
CA PRO A 385 -3.61 -0.31 32.88
C PRO A 385 -5.13 -0.28 32.93
N THR A 386 -5.71 -1.47 33.05
CA THR A 386 -7.15 -1.63 33.14
C THR A 386 -7.66 -1.55 34.57
N ARG A 387 -6.75 -1.48 35.53
CA ARG A 387 -7.08 -1.24 36.93
C ARG A 387 -5.81 -0.92 37.69
N GLY A 388 -5.87 0.02 38.62
CA GLY A 388 -4.69 0.47 39.32
C GLY A 388 -4.06 1.68 38.65
N ARG A 389 -2.88 2.03 39.14
CA ARG A 389 -2.24 3.29 38.79
C ARG A 389 -0.73 3.10 38.72
N VAL A 390 -0.11 3.81 37.77
CA VAL A 390 1.33 3.85 37.62
C VAL A 390 1.81 5.25 37.97
N LEU A 391 2.67 5.35 38.97
CA LEU A 391 3.10 6.64 39.51
C LEU A 391 4.59 6.81 39.30
N ILE A 392 4.97 7.73 38.42
CA ILE A 392 6.37 8.08 38.21
C ILE A 392 6.62 9.38 38.97
N ASP A 393 7.54 9.33 39.94
CA ASP A 393 7.89 10.48 40.77
C ASP A 393 6.69 11.00 41.56
N GLY A 394 5.66 10.17 41.72
CA GLY A 394 4.50 10.56 42.50
C GLY A 394 3.31 10.94 41.65
N THR A 395 3.56 11.51 40.47
CA THR A 395 2.52 11.97 39.58
C THR A 395 2.07 10.82 38.69
N ASP A 396 0.81 10.42 38.83
CA ASP A 396 0.20 9.42 37.97
C ASP A 396 0.54 9.71 36.51
N VAL A 397 1.05 8.69 35.79
CA VAL A 397 1.55 8.90 34.45
C VAL A 397 0.45 9.17 33.44
N ALA A 398 -0.80 8.82 33.76
CA ALA A 398 -1.91 9.00 32.85
C ALA A 398 -2.60 10.34 33.04
N THR A 399 -2.04 11.21 33.89
CA THR A 399 -2.50 12.58 34.06
C THR A 399 -1.41 13.55 33.64
N LEU A 400 -0.74 13.22 32.53
CA LEU A 400 0.32 14.05 31.98
C LEU A 400 0.01 14.31 30.52
N ASP A 401 0.45 15.46 30.02
CA ASP A 401 0.25 15.80 28.62
C ASP A 401 0.90 14.75 27.74
N ALA A 402 0.26 14.44 26.61
CA ALA A 402 0.68 13.35 25.73
C ALA A 402 2.13 13.47 25.31
N ARG A 403 2.65 14.69 25.23
CA ARG A 403 4.03 14.94 24.84
C ARG A 403 4.95 15.04 26.05
N ALA A 404 4.39 15.14 27.25
CA ALA A 404 5.19 15.23 28.47
C ALA A 404 5.26 13.90 29.20
N GLN A 405 4.71 12.83 28.64
CA GLN A 405 4.82 11.51 29.22
C GLN A 405 5.56 10.53 28.33
N GLN A 406 5.91 10.92 27.11
CA GLN A 406 6.78 10.14 26.25
C GLN A 406 8.20 10.68 26.29
N ALA A 407 8.49 11.49 27.32
CA ALA A 407 9.83 12.06 27.49
C ALA A 407 10.38 11.76 28.87
N VAL A 408 9.97 10.65 29.48
CA VAL A 408 10.43 10.28 30.81
C VAL A 408 10.90 8.84 30.75
N CYS A 409 11.06 8.31 29.54
CA CYS A 409 11.51 6.93 29.35
C CYS A 409 12.26 6.77 28.04
N SER A 410 13.31 5.95 28.04
CA SER A 410 14.02 5.56 26.83
C SER A 410 14.15 4.04 26.85
N VAL A 411 13.46 3.38 25.95
CA VAL A 411 13.29 1.93 25.99
C VAL A 411 14.18 1.27 24.95
N VAL A 412 14.73 0.11 25.32
CA VAL A 412 15.41 -0.78 24.39
C VAL A 412 14.50 -1.97 24.20
N PHE A 413 13.89 -2.09 23.04
CA PHE A 413 12.88 -3.11 22.83
C PHE A 413 13.53 -4.49 22.66
N GLN A 414 12.71 -5.53 22.84
CA GLN A 414 13.17 -6.93 22.71
C GLN A 414 13.50 -7.21 21.23
N HIS A 415 12.61 -6.82 20.33
CA HIS A 415 12.80 -7.01 18.90
C HIS A 415 13.20 -5.68 18.28
N PRO A 416 14.49 -5.43 18.08
CA PRO A 416 14.92 -4.10 17.63
C PRO A 416 14.42 -3.81 16.23
N TYR A 417 13.89 -2.61 16.04
CA TYR A 417 13.38 -2.15 14.74
C TYR A 417 14.05 -0.81 14.42
N LEU A 418 14.96 -0.82 13.47
CA LEU A 418 15.56 0.41 12.96
C LEU A 418 14.81 0.86 11.72
N PHE A 419 14.88 2.15 11.44
CA PHE A 419 14.20 2.68 10.27
C PHE A 419 15.14 2.66 9.07
N HIS A 420 14.54 2.77 7.88
CA HIS A 420 15.36 2.78 6.67
C HIS A 420 16.19 4.04 6.63
N GLY A 421 17.50 3.87 6.44
CA GLY A 421 18.42 4.99 6.47
C GLY A 421 19.82 4.48 6.77
N THR A 422 20.64 5.39 7.29
CA THR A 422 22.03 5.09 7.70
C THR A 422 22.05 4.81 9.21
N ILE A 423 23.21 4.44 9.73
CA ILE A 423 23.34 4.14 11.15
C ILE A 423 23.23 5.41 11.97
N ARG A 424 23.92 6.47 11.56
CA ARG A 424 23.89 7.70 12.34
C ARG A 424 22.51 8.34 12.31
N ASP A 425 21.74 8.14 11.23
CA ASP A 425 20.37 8.64 11.22
C ASP A 425 19.53 7.97 12.30
N ASN A 426 19.66 6.65 12.45
CA ASN A 426 18.92 5.94 13.47
C ASN A 426 19.38 6.32 14.87
N VAL A 427 20.70 6.47 15.07
CA VAL A 427 21.20 6.87 16.37
C VAL A 427 20.76 8.29 16.73
N PHE A 428 20.67 9.19 15.75
CA PHE A 428 20.25 10.56 15.98
C PHE A 428 18.74 10.71 16.00
N ALA A 429 18.00 9.65 15.64
CA ALA A 429 16.54 9.69 15.72
C ALA A 429 16.04 9.86 17.15
N ALA A 430 16.86 9.55 18.15
CA ALA A 430 16.46 9.75 19.53
C ALA A 430 16.64 11.21 19.94
N ASP A 431 17.77 11.80 19.56
CA ASP A 431 18.10 13.18 19.92
C ASP A 431 18.74 13.85 18.70
N PRO A 432 17.94 14.50 17.85
CA PRO A 432 18.49 15.03 16.59
C PRO A 432 19.35 16.26 16.77
N GLY A 433 19.12 17.06 17.80
CA GLY A 433 19.94 18.24 18.02
C GLY A 433 21.10 17.97 18.96
N ALA A 434 21.68 16.78 18.84
CA ALA A 434 22.80 16.40 19.69
C ALA A 434 24.12 16.83 19.06
N SER A 435 25.13 16.99 19.91
CA SER A 435 26.47 17.31 19.46
C SER A 435 27.17 16.06 18.98
N ASP A 436 28.49 16.14 18.77
CA ASP A 436 29.28 14.95 18.52
C ASP A 436 29.88 14.37 19.80
N ASP A 437 30.02 15.15 20.86
CA ASP A 437 30.49 14.59 22.13
C ASP A 437 29.53 13.55 22.68
N GLN A 438 28.25 13.90 22.80
CA GLN A 438 27.28 12.95 23.33
C GLN A 438 26.99 11.83 22.33
N PHE A 439 27.07 12.12 21.03
CA PHE A 439 26.92 11.05 20.04
C PHE A 439 28.05 10.03 20.17
N ALA A 440 29.29 10.51 20.29
CA ALA A 440 30.41 9.60 20.45
C ALA A 440 30.32 8.83 21.77
N GLN A 441 29.86 9.49 22.83
CA GLN A 441 29.68 8.80 24.10
C GLN A 441 28.66 7.67 23.98
N ALA A 442 27.49 7.98 23.41
CA ALA A 442 26.45 6.97 23.22
C ALA A 442 26.93 5.82 22.35
N VAL A 443 27.63 6.13 21.25
CA VAL A 443 28.03 5.09 20.32
C VAL A 443 29.21 4.28 20.85
N ARG A 444 29.97 4.83 21.79
CA ARG A 444 31.06 4.08 22.41
C ARG A 444 30.58 3.20 23.54
N LEU A 445 29.61 3.66 24.32
CA LEU A 445 29.08 2.83 25.40
C LEU A 445 28.45 1.54 24.87
N ALA A 446 27.72 1.65 23.75
CA ALA A 446 27.00 0.52 23.18
C ALA A 446 27.87 -0.35 22.28
N ARG A 447 29.18 -0.18 22.31
CA ARG A 447 30.12 -0.97 21.49
C ARG A 447 29.80 -0.89 20.01
N VAL A 448 29.32 0.27 19.54
CA VAL A 448 29.08 0.46 18.12
C VAL A 448 30.22 1.19 17.44
N ASP A 449 31.17 1.74 18.22
CA ASP A 449 32.30 2.42 17.60
C ASP A 449 33.18 1.44 16.83
N GLU A 450 33.39 0.24 17.37
CA GLU A 450 34.15 -0.77 16.64
C GLU A 450 33.38 -1.29 15.43
N LEU A 451 32.05 -1.41 15.55
CA LEU A 451 31.24 -1.76 14.39
C LEU A 451 31.37 -0.73 13.28
N ILE A 452 31.40 0.56 13.63
CA ILE A 452 31.60 1.60 12.64
C ILE A 452 33.00 1.57 12.05
N ALA A 453 34.03 1.36 12.87
CA ALA A 453 35.41 1.27 12.39
C ALA A 453 35.70 -0.06 11.70
N ARG A 454 34.71 -0.96 11.65
CA ARG A 454 34.87 -2.25 11.00
C ARG A 454 34.09 -2.35 9.70
N LEU A 455 33.30 -1.35 9.35
CA LEU A 455 32.48 -1.35 8.16
C LEU A 455 33.06 -0.44 7.10
N PRO A 456 32.87 -0.74 5.81
CA PRO A 456 33.47 0.07 4.75
C PRO A 456 33.03 1.53 4.78
N ASP A 457 31.72 1.76 4.87
CA ASP A 457 31.15 3.09 4.95
C ASP A 457 30.45 3.31 6.29
N GLY A 458 31.12 2.93 7.37
CA GLY A 458 30.49 2.96 8.68
C GLY A 458 29.94 4.33 9.02
N ALA A 459 28.92 4.34 9.88
CA ALA A 459 28.17 5.52 10.29
C ALA A 459 27.33 6.05 9.13
N ASN A 460 27.42 5.42 7.97
CA ASN A 460 26.61 5.77 6.82
C ASN A 460 26.04 4.54 6.12
N THR A 461 26.44 3.34 6.54
CA THR A 461 25.90 2.11 5.96
C THR A 461 24.38 2.09 6.06
N ILE A 462 23.72 1.70 4.97
CA ILE A 462 22.27 1.53 4.98
C ILE A 462 21.94 0.36 5.89
N VAL A 463 20.80 0.42 6.58
CA VAL A 463 20.45 -0.61 7.54
C VAL A 463 19.21 -1.37 7.10
N GLY A 464 18.99 -1.45 5.79
CA GLY A 464 17.89 -2.25 5.30
C GLY A 464 16.54 -1.66 5.67
N GLU A 465 15.52 -2.52 5.57
CA GLU A 465 14.16 -2.07 5.85
C GLU A 465 13.95 -1.90 7.34
N ALA A 466 14.05 -2.98 8.11
CA ALA A 466 14.08 -2.84 9.56
C ALA A 466 15.51 -2.85 10.06
N GLY A 467 16.19 -3.99 9.94
CA GLY A 467 17.61 -4.07 10.18
C GLY A 467 18.24 -5.07 9.24
N SER A 468 17.50 -5.41 8.18
CA SER A 468 17.85 -6.53 7.31
C SER A 468 19.24 -6.42 6.71
N ALA A 469 19.83 -5.24 6.69
CA ALA A 469 21.20 -5.04 6.20
C ALA A 469 22.19 -5.04 7.36
N LEU A 470 21.82 -5.71 8.45
CA LEU A 470 22.67 -5.80 9.63
C LEU A 470 22.41 -7.14 10.30
N SER A 471 23.42 -7.65 11.00
CA SER A 471 23.24 -8.88 11.75
C SER A 471 22.32 -8.64 12.94
N GLY A 472 21.95 -9.74 13.60
CA GLY A 472 21.04 -9.66 14.73
C GLY A 472 21.66 -8.94 15.92
N GLY A 473 22.99 -8.94 16.01
CA GLY A 473 23.67 -8.29 17.10
C GLY A 473 24.00 -6.85 16.81
N GLU A 474 24.35 -6.56 15.56
CA GLU A 474 24.62 -5.19 15.18
C GLU A 474 23.38 -4.32 15.22
N ARG A 475 22.23 -4.87 14.77
CA ARG A 475 20.97 -4.13 14.88
C ARG A 475 20.64 -3.84 16.34
N GLN A 476 20.87 -4.81 17.22
CA GLN A 476 20.59 -4.61 18.64
C GLN A 476 21.52 -3.59 19.26
N ARG A 477 22.79 -3.59 18.87
CA ARG A 477 23.71 -2.58 19.39
C ARG A 477 23.40 -1.20 18.87
N VAL A 478 22.92 -1.09 17.62
CA VAL A 478 22.46 0.21 17.12
C VAL A 478 21.26 0.68 17.92
N SER A 479 20.34 -0.24 18.26
CA SER A 479 19.21 0.15 19.09
C SER A 479 19.64 0.60 20.49
N ILE A 480 20.63 -0.08 21.06
CA ILE A 480 21.14 0.33 22.38
C ILE A 480 21.77 1.71 22.30
N ALA A 481 22.56 1.96 21.25
CA ALA A 481 23.16 3.27 21.09
C ALA A 481 22.10 4.35 20.91
N ARG A 482 21.03 4.04 20.18
CA ARG A 482 19.94 4.99 20.02
C ARG A 482 19.26 5.29 21.34
N ALA A 483 19.02 4.26 22.15
CA ALA A 483 18.33 4.45 23.42
C ALA A 483 19.19 5.16 24.45
N LEU A 484 20.51 5.02 24.38
CA LEU A 484 21.40 5.74 25.30
C LEU A 484 21.54 7.21 24.95
N LEU A 485 21.28 7.59 23.71
CA LEU A 485 21.32 8.98 23.27
C LEU A 485 19.99 9.69 23.49
N LYS A 486 19.52 9.74 24.73
CA LYS A 486 18.28 10.44 25.05
C LYS A 486 18.33 10.85 26.51
N ALA A 487 17.84 12.05 26.81
CA ALA A 487 17.94 12.62 28.15
C ALA A 487 16.78 12.21 29.06
N ALA A 488 16.09 11.12 28.74
CA ALA A 488 15.03 10.65 29.61
C ALA A 488 15.63 10.00 30.86
N PRO A 489 15.16 10.40 32.05
CA PRO A 489 15.79 9.89 33.27
C PRO A 489 15.22 8.55 33.72
N VAL A 490 14.99 7.65 32.77
CA VAL A 490 14.57 6.28 33.03
C VAL A 490 15.05 5.44 31.87
N LEU A 491 15.74 4.35 32.15
CA LEU A 491 16.28 3.48 31.11
C LEU A 491 15.66 2.10 31.27
N LEU A 492 14.63 1.81 30.48
CA LEU A 492 14.00 0.51 30.46
C LEU A 492 14.71 -0.35 29.45
N VAL A 493 15.58 -1.24 29.85
CA VAL A 493 16.33 -2.05 28.86
C VAL A 493 15.62 -3.37 28.78
N ASP A 494 15.29 -3.92 27.61
CA ASP A 494 14.56 -5.21 27.56
C ASP A 494 15.52 -6.39 27.55
N GLN A 495 15.43 -7.30 26.59
CA GLN A 495 16.41 -8.39 26.73
C GLN A 495 17.76 -7.82 26.38
N ALA A 496 17.89 -7.29 25.18
CA ALA A 496 19.01 -6.38 24.86
C ALA A 496 20.38 -6.99 25.17
N THR A 497 20.65 -8.24 24.74
CA THR A 497 21.93 -9.00 24.87
C THR A 497 21.68 -10.37 24.28
N SER A 498 20.46 -10.66 23.88
CA SER A 498 20.21 -11.99 23.34
C SER A 498 21.11 -12.33 22.17
N ALA A 499 21.50 -11.32 21.38
CA ALA A 499 22.26 -11.58 20.16
C ALA A 499 23.74 -11.29 20.32
N LEU A 500 24.16 -10.58 21.35
CA LEU A 500 25.57 -10.26 21.53
C LEU A 500 26.32 -11.45 22.11
N ASP A 501 27.58 -11.59 21.70
CA ASP A 501 28.39 -12.71 22.11
C ASP A 501 28.91 -12.48 23.53
N ALA A 502 29.85 -13.33 23.97
CA ALA A 502 30.22 -13.34 25.37
C ALA A 502 31.05 -12.12 25.76
N GLU A 503 31.92 -11.66 24.87
CA GLU A 503 32.78 -10.53 25.18
C GLU A 503 32.23 -9.20 24.68
N ASN A 504 31.18 -9.21 23.86
CA ASN A 504 30.42 -7.99 23.60
C ASN A 504 29.42 -7.70 24.70
N GLU A 505 28.74 -8.72 25.22
CA GLU A 505 27.77 -8.53 26.28
C GLU A 505 28.38 -8.06 27.58
N ALA A 506 29.57 -8.53 27.94
CA ALA A 506 30.19 -8.07 29.18
C ALA A 506 30.57 -6.61 29.07
N ALA A 507 31.14 -6.21 27.93
CA ALA A 507 31.49 -4.81 27.71
C ALA A 507 30.25 -3.94 27.72
N VAL A 508 29.18 -4.39 27.05
CA VAL A 508 27.96 -3.59 26.99
C VAL A 508 27.34 -3.45 28.37
N VAL A 509 27.34 -4.52 29.15
CA VAL A 509 26.75 -4.47 30.49
C VAL A 509 27.55 -3.53 31.38
N ASP A 510 28.88 -3.67 31.38
CA ASP A 510 29.71 -2.81 32.21
C ASP A 510 29.57 -1.35 31.80
N ALA A 511 29.56 -1.07 30.50
CA ALA A 511 29.44 0.31 30.04
C ALA A 511 28.07 0.88 30.39
N LEU A 512 27.01 0.09 30.23
CA LEU A 512 25.66 0.55 30.53
C LEU A 512 25.47 0.78 32.01
N ALA A 513 26.16 0.03 32.88
CA ALA A 513 26.06 0.23 34.32
C ALA A 513 27.12 1.20 34.83
N ALA A 514 27.98 1.69 33.95
CA ALA A 514 28.94 2.71 34.29
C ALA A 514 28.61 4.00 33.53
N ASP A 515 27.33 4.31 33.44
CA ASP A 515 26.87 5.51 32.77
C ASP A 515 27.13 6.73 33.66
N PRO A 516 27.65 7.81 33.08
CA PRO A 516 27.84 9.04 33.86
C PRO A 516 26.52 9.65 34.30
N ARG A 517 25.53 9.64 33.41
CA ARG A 517 24.22 10.20 33.72
C ARG A 517 23.48 9.30 34.69
N SER A 518 23.01 9.87 35.80
CA SER A 518 22.27 9.12 36.79
C SER A 518 20.84 8.88 36.30
N ARG A 519 20.41 7.63 36.30
CA ARG A 519 19.09 7.25 35.83
C ARG A 519 18.49 6.23 36.80
N THR A 520 17.22 5.92 36.58
CA THR A 520 16.53 4.82 37.25
C THR A 520 16.44 3.71 36.22
N ARG A 521 17.34 2.74 36.31
CA ARG A 521 17.47 1.72 35.28
C ARG A 521 16.71 0.47 35.68
N VAL A 522 16.06 -0.15 34.70
CA VAL A 522 15.31 -1.40 34.90
C VAL A 522 15.74 -2.36 33.80
N ILE A 523 16.19 -3.54 34.20
CA ILE A 523 16.74 -4.53 33.28
C ILE A 523 15.89 -5.79 33.33
N VAL A 524 15.45 -6.24 32.16
CA VAL A 524 14.85 -7.55 32.00
C VAL A 524 15.87 -8.46 31.33
N ALA A 525 16.08 -9.64 31.90
CA ALA A 525 17.16 -10.49 31.42
C ALA A 525 16.81 -11.96 31.59
N HIS A 526 17.33 -12.77 30.66
CA HIS A 526 17.30 -14.22 30.77
C HIS A 526 18.66 -14.83 31.06
N ARG A 527 19.73 -14.06 30.89
CA ARG A 527 21.08 -14.51 31.23
C ARG A 527 21.44 -14.04 32.63
N LEU A 528 22.30 -14.81 33.29
CA LEU A 528 22.75 -14.49 34.63
C LEU A 528 23.86 -13.45 34.65
N ALA A 529 24.79 -13.51 33.70
CA ALA A 529 25.86 -12.54 33.60
C ALA A 529 25.42 -11.26 32.92
N SER A 530 24.13 -11.11 32.64
CA SER A 530 23.61 -9.91 32.00
C SER A 530 23.10 -8.89 33.01
N ILE A 531 22.81 -9.29 34.24
CA ILE A 531 22.44 -8.30 35.25
C ILE A 531 23.65 -7.90 36.08
N ARG A 532 24.13 -8.80 36.94
CA ARG A 532 25.45 -8.74 37.57
C ARG A 532 25.67 -7.47 38.38
N HIS A 533 24.75 -6.52 38.27
CA HIS A 533 24.93 -5.19 38.86
C HIS A 533 23.69 -4.73 39.62
N ALA A 534 22.51 -5.11 39.13
CA ALA A 534 21.25 -4.72 39.76
C ALA A 534 21.27 -5.06 41.23
N ASP A 535 20.88 -4.10 42.06
CA ASP A 535 20.86 -4.27 43.50
C ASP A 535 19.51 -4.76 44.01
N ARG A 536 18.61 -5.14 43.11
CA ARG A 536 17.30 -5.64 43.51
C ARG A 536 16.71 -6.42 42.34
N VAL A 537 16.34 -7.67 42.59
CA VAL A 537 15.77 -8.55 41.58
C VAL A 537 14.31 -8.75 41.89
N LEU A 538 13.48 -8.78 40.84
CA LEU A 538 12.06 -9.08 40.96
C LEU A 538 11.77 -10.34 40.16
N PHE A 539 11.45 -11.42 40.85
CA PHE A 539 11.17 -12.70 40.19
C PHE A 539 9.68 -12.84 39.91
N VAL A 540 9.26 -12.21 38.81
CA VAL A 540 7.87 -12.30 38.40
C VAL A 540 7.61 -13.67 37.78
N ASP A 541 6.50 -14.30 38.16
CA ASP A 541 6.11 -15.61 37.65
C ASP A 541 4.60 -15.61 37.45
N ASP A 542 4.18 -15.82 36.19
CA ASP A 542 2.74 -15.92 35.83
C ASP A 542 2.01 -14.58 36.01
N GLY A 543 2.72 -13.53 36.44
CA GLY A 543 2.09 -12.25 36.63
C GLY A 543 2.26 -11.72 38.04
N ARG A 544 2.72 -12.58 38.94
CA ARG A 544 2.93 -12.21 40.33
C ARG A 544 4.42 -12.10 40.63
N VAL A 545 4.76 -11.19 41.54
CA VAL A 545 6.12 -11.05 42.01
C VAL A 545 6.32 -12.03 43.17
N VAL A 546 6.79 -13.24 42.86
CA VAL A 546 6.91 -14.31 43.83
C VAL A 546 7.76 -13.86 45.01
N GLU A 547 8.93 -13.28 44.73
CA GLU A 547 9.79 -12.77 45.77
C GLU A 547 10.83 -11.81 45.19
N ASP A 548 11.35 -10.92 46.02
CA ASP A 548 12.34 -9.94 45.59
C ASP A 548 13.41 -9.79 46.65
N GLY A 549 14.44 -9.03 46.32
CA GLY A 549 15.56 -8.84 47.21
C GLY A 549 16.83 -8.66 46.39
N SER A 550 17.95 -8.59 47.11
CA SER A 550 19.24 -8.42 46.46
C SER A 550 19.78 -9.76 46.01
N ILE A 551 20.55 -9.74 44.92
CA ILE A 551 21.17 -10.95 44.38
C ILE A 551 22.04 -11.66 45.39
N SER A 552 22.63 -10.92 46.35
CA SER A 552 23.48 -11.50 47.36
C SER A 552 22.71 -12.24 48.44
N GLU A 553 21.38 -12.17 48.40
CA GLU A 553 20.56 -12.87 49.39
C GLU A 553 19.42 -13.68 48.79
N LEU A 554 19.19 -13.62 47.49
CA LEU A 554 18.20 -14.50 46.87
C LEU A 554 18.76 -15.89 46.61
N LEU A 555 20.07 -16.01 46.41
CA LEU A 555 20.70 -17.29 46.12
C LEU A 555 21.29 -17.95 47.35
N THR A 556 21.04 -17.40 48.53
CA THR A 556 21.40 -18.06 49.78
C THR A 556 20.19 -18.64 50.49
N ALA A 557 18.99 -18.28 50.08
CA ALA A 557 17.75 -18.86 50.58
C ALA A 557 17.12 -19.61 49.42
N GLY A 558 16.98 -20.93 49.56
CA GLY A 558 16.49 -21.76 48.48
C GLY A 558 15.11 -21.35 48.02
N GLY A 559 15.05 -20.74 46.83
CA GLY A 559 13.80 -20.30 46.25
C GLY A 559 13.77 -20.49 44.75
N ARG A 560 12.96 -19.70 44.06
CA ARG A 560 12.94 -19.80 42.61
C ARG A 560 14.23 -19.27 42.00
N PHE A 561 14.74 -18.16 42.52
CA PHE A 561 15.96 -17.55 41.98
C PHE A 561 17.19 -18.42 42.16
N SER A 562 17.26 -19.20 43.23
CA SER A 562 18.45 -20.00 43.48
C SER A 562 18.59 -21.12 42.47
N GLN A 563 17.49 -21.78 42.14
CA GLN A 563 17.50 -22.94 41.24
C GLN A 563 16.99 -22.58 39.85
N PHE A 564 16.79 -21.31 39.56
CA PHE A 564 16.44 -20.87 38.22
C PHE A 564 17.60 -20.94 37.24
N TRP A 565 18.82 -21.16 37.72
CA TRP A 565 19.98 -21.21 36.85
C TRP A 565 20.87 -22.44 37.04
N ARG A 566 20.73 -23.18 38.13
CA ARG A 566 21.56 -24.37 38.33
C ARG A 566 21.31 -25.39 37.22
N GLN A 567 20.06 -25.49 36.77
CA GLN A 567 19.72 -26.42 35.69
C GLN A 567 19.01 -25.69 34.56
N SER B 276 9.30 9.66 -21.80
CA SER B 276 9.78 8.86 -22.92
C SER B 276 8.63 8.18 -23.64
N TRP B 277 8.70 8.17 -24.97
CA TRP B 277 7.69 7.55 -25.81
C TRP B 277 8.12 6.21 -26.37
N ARG B 278 9.22 5.65 -25.88
CA ARG B 278 9.69 4.37 -26.38
C ARG B 278 8.72 3.26 -26.02
N ALA B 279 8.64 2.27 -26.90
CA ALA B 279 7.79 1.10 -26.70
C ALA B 279 8.56 -0.18 -26.44
N GLN B 280 9.87 -0.17 -26.67
CA GLN B 280 10.71 -1.33 -26.36
C GLN B 280 10.60 -1.68 -24.89
N ALA B 281 10.60 -2.99 -24.59
CA ALA B 281 10.41 -3.54 -23.26
C ALA B 281 8.98 -3.30 -22.78
N ALA B 282 8.17 -2.61 -23.58
CA ALA B 282 6.74 -2.49 -23.35
C ALA B 282 5.94 -3.13 -24.47
N SER B 283 6.61 -3.55 -25.54
CA SER B 283 6.00 -4.34 -26.59
C SER B 283 6.36 -5.81 -26.52
N ARG B 284 7.45 -6.17 -25.82
CA ARG B 284 7.76 -7.55 -25.53
C ARG B 284 6.93 -8.09 -24.36
N LEU B 285 6.56 -7.21 -23.43
CA LEU B 285 5.75 -7.64 -22.30
C LEU B 285 4.33 -7.95 -22.72
N LEU B 286 3.63 -6.97 -23.26
CA LEU B 286 2.23 -7.12 -23.65
C LEU B 286 2.16 -7.44 -25.13
N ALA B 287 2.72 -8.62 -25.38
CA ALA B 287 2.82 -9.28 -26.69
C ALA B 287 1.76 -10.38 -26.78
N PRO B 288 1.23 -11.02 -25.70
CA PRO B 288 0.22 -12.05 -25.97
C PRO B 288 -1.11 -11.45 -26.33
N LEU B 289 -1.29 -10.16 -26.06
CA LEU B 289 -2.42 -9.38 -26.57
C LEU B 289 -2.05 -8.80 -27.94
N LYS B 290 -1.58 -9.68 -28.82
CA LYS B 290 -1.15 -9.22 -30.13
C LYS B 290 -2.35 -8.82 -30.99
N LEU B 291 -3.25 -9.81 -31.08
CA LEU B 291 -4.49 -9.78 -31.89
C LEU B 291 -5.63 -9.10 -31.14
N PRO B 292 -5.90 -9.29 -29.83
CA PRO B 292 -7.08 -8.62 -29.28
C PRO B 292 -6.81 -7.14 -29.09
N LEU B 293 -6.10 -6.53 -30.04
CA LEU B 293 -5.89 -5.09 -30.04
C LEU B 293 -6.02 -4.58 -31.46
N VAL B 294 -5.76 -5.47 -32.42
CA VAL B 294 -6.06 -5.18 -33.82
C VAL B 294 -7.51 -5.50 -34.12
N LEU B 295 -8.11 -6.41 -33.36
CA LEU B 295 -9.52 -6.72 -33.46
C LEU B 295 -10.40 -5.78 -32.66
N SER B 296 -9.86 -5.14 -31.62
CA SER B 296 -10.56 -4.10 -30.89
C SER B 296 -10.30 -2.72 -31.45
N GLY B 297 -9.61 -2.64 -32.57
CA GLY B 297 -9.42 -1.38 -33.26
C GLY B 297 -10.34 -1.28 -34.46
N VAL B 298 -10.64 -2.43 -35.06
CA VAL B 298 -11.64 -2.51 -36.11
C VAL B 298 -13.03 -2.73 -35.55
N LEU B 299 -13.15 -3.01 -34.26
CA LEU B 299 -14.43 -3.07 -33.57
C LEU B 299 -14.69 -1.84 -32.72
N ALA B 300 -13.79 -0.85 -32.75
CA ALA B 300 -14.03 0.44 -32.14
C ALA B 300 -14.08 1.57 -33.15
N ALA B 301 -13.64 1.32 -34.38
CA ALA B 301 -13.86 2.23 -35.50
C ALA B 301 -15.04 1.77 -36.33
N LEU B 302 -15.82 0.84 -35.78
CA LEU B 302 -17.03 0.33 -36.42
C LEU B 302 -18.20 0.54 -35.48
N VAL B 303 -17.90 0.67 -34.18
CA VAL B 303 -18.89 1.08 -33.20
C VAL B 303 -19.10 2.58 -33.19
N THR B 304 -18.05 3.37 -33.38
CA THR B 304 -18.19 4.81 -33.47
C THR B 304 -18.81 5.27 -34.79
N LEU B 305 -18.90 4.38 -35.77
CA LEU B 305 -19.71 4.63 -36.95
C LEU B 305 -21.17 4.28 -36.73
N ALA B 306 -21.48 3.61 -35.62
CA ALA B 306 -22.86 3.30 -35.26
C ALA B 306 -23.41 4.27 -34.22
N GLN B 307 -22.55 4.96 -33.47
CA GLN B 307 -22.95 6.08 -32.63
C GLN B 307 -22.96 7.38 -33.39
N LEU B 308 -22.56 7.36 -34.66
CA LEU B 308 -22.55 8.52 -35.54
C LEU B 308 -23.64 8.42 -36.61
N ALA B 309 -24.38 7.31 -36.62
CA ALA B 309 -25.47 7.07 -37.55
C ALA B 309 -26.75 7.78 -37.16
N PRO B 310 -27.16 7.79 -35.88
CA PRO B 310 -28.38 8.56 -35.54
C PRO B 310 -28.32 10.02 -35.94
N PHE B 311 -27.12 10.60 -35.97
CA PHE B 311 -26.98 12.03 -36.26
C PHE B 311 -26.90 12.32 -37.76
N VAL B 312 -26.61 11.33 -38.60
CA VAL B 312 -26.78 11.51 -40.03
C VAL B 312 -28.20 11.23 -40.48
N LEU B 313 -29.03 10.72 -39.58
CA LEU B 313 -30.46 10.53 -39.85
C LEU B 313 -31.27 11.69 -39.29
N LEU B 314 -30.84 12.23 -38.15
CA LEU B 314 -31.44 13.45 -37.62
C LEU B 314 -31.20 14.62 -38.56
N VAL B 315 -30.19 14.50 -39.42
CA VAL B 315 -29.90 15.51 -40.43
C VAL B 315 -30.74 15.32 -41.69
N GLU B 316 -31.02 14.08 -42.09
CA GLU B 316 -31.91 13.81 -43.21
C GLU B 316 -33.37 14.04 -42.86
N LEU B 317 -33.77 13.82 -41.61
CA LEU B 317 -35.10 14.15 -41.14
C LEU B 317 -35.32 15.65 -40.98
N SER B 318 -34.30 16.38 -40.55
CA SER B 318 -34.42 17.83 -40.38
C SER B 318 -34.55 18.56 -41.70
N ARG B 319 -33.86 18.13 -42.74
CA ARG B 319 -34.00 18.69 -44.08
C ARG B 319 -35.16 18.09 -44.83
N LEU B 320 -35.85 17.13 -44.23
CA LEU B 320 -37.05 16.53 -44.78
C LEU B 320 -38.32 17.14 -44.22
N LEU B 321 -38.31 17.54 -42.95
CA LEU B 321 -39.45 18.26 -42.38
C LEU B 321 -39.71 19.56 -43.12
N VAL B 322 -38.64 20.28 -43.45
CA VAL B 322 -38.76 21.61 -44.05
C VAL B 322 -39.48 21.56 -45.39
N SER B 323 -39.50 20.42 -46.06
CA SER B 323 -39.99 20.33 -47.43
C SER B 323 -41.36 19.70 -47.57
N GLY B 324 -41.87 19.00 -46.55
CA GLY B 324 -43.08 18.23 -46.75
C GLY B 324 -42.93 16.81 -46.25
N ALA B 325 -42.96 15.84 -47.17
CA ALA B 325 -42.71 14.44 -46.83
C ALA B 325 -43.74 13.90 -45.85
N GLY B 326 -44.97 13.70 -46.32
CA GLY B 326 -46.08 13.20 -45.53
C GLY B 326 -45.71 12.11 -44.53
N ALA B 327 -46.38 12.15 -43.37
CA ALA B 327 -45.98 11.48 -42.14
C ALA B 327 -45.51 10.03 -42.30
N HIS B 328 -45.94 9.35 -43.37
CA HIS B 328 -45.41 8.01 -43.64
C HIS B 328 -43.90 8.00 -43.84
N ARG B 329 -43.31 9.11 -44.27
CA ARG B 329 -41.87 9.19 -44.44
C ARG B 329 -41.15 9.75 -43.21
N LEU B 330 -41.84 10.56 -42.40
CA LEU B 330 -41.25 11.07 -41.17
C LEU B 330 -41.34 10.07 -40.02
N PHE B 331 -42.24 9.10 -40.10
CA PHE B 331 -42.29 8.04 -39.10
C PHE B 331 -41.01 7.21 -39.13
N THR B 332 -40.57 6.82 -40.33
CA THR B 332 -39.53 5.83 -40.50
C THR B 332 -38.13 6.43 -40.56
N VAL B 333 -37.99 7.72 -40.27
CA VAL B 333 -36.68 8.35 -40.14
C VAL B 333 -36.58 8.86 -38.71
N GLY B 334 -37.71 8.92 -38.03
CA GLY B 334 -37.73 9.28 -36.63
C GLY B 334 -37.62 8.06 -35.74
N PHE B 335 -38.22 6.95 -36.18
CA PHE B 335 -38.12 5.69 -35.45
C PHE B 335 -36.84 4.93 -35.76
N ALA B 336 -36.16 5.27 -36.86
CA ALA B 336 -34.87 4.67 -37.19
C ALA B 336 -33.71 5.49 -36.65
N ALA B 337 -34.01 6.55 -35.90
CA ALA B 337 -32.99 7.35 -35.25
C ALA B 337 -33.11 7.29 -33.73
N VAL B 338 -34.22 6.77 -33.20
CA VAL B 338 -34.32 6.49 -31.78
C VAL B 338 -34.05 5.03 -31.46
N GLY B 339 -34.01 4.15 -32.46
CA GLY B 339 -33.58 2.79 -32.27
C GLY B 339 -32.09 2.67 -32.49
N LEU B 340 -31.55 3.48 -33.40
CA LEU B 340 -30.12 3.46 -33.64
C LEU B 340 -29.34 4.05 -32.48
N LEU B 341 -29.93 5.02 -31.77
CA LEU B 341 -29.29 5.55 -30.57
C LEU B 341 -29.08 4.44 -29.54
N GLY B 342 -30.15 3.72 -29.23
CA GLY B 342 -30.08 2.60 -28.31
C GLY B 342 -29.14 1.50 -28.78
N THR B 343 -29.20 1.18 -30.08
CA THR B 343 -28.34 0.13 -30.61
C THR B 343 -26.86 0.50 -30.51
N GLY B 344 -26.51 1.74 -30.86
CA GLY B 344 -25.14 2.20 -30.76
C GLY B 344 -24.65 2.42 -29.35
N ALA B 345 -25.56 2.67 -28.41
CA ALA B 345 -25.19 2.71 -27.00
C ALA B 345 -25.13 1.33 -26.37
N LEU B 346 -25.75 0.33 -26.98
CA LEU B 346 -25.73 -1.04 -26.48
C LEU B 346 -24.55 -1.84 -27.00
N LEU B 347 -24.20 -1.71 -28.29
CA LEU B 347 -23.04 -2.41 -28.82
C LEU B 347 -21.76 -1.60 -28.64
N ALA B 348 -21.82 -0.55 -27.82
CA ALA B 348 -20.63 0.14 -27.36
C ALA B 348 -20.26 -0.22 -25.93
N ALA B 349 -21.24 -0.61 -25.11
CA ALA B 349 -20.97 -1.16 -23.79
C ALA B 349 -20.70 -2.66 -23.83
N ALA B 350 -20.98 -3.32 -24.96
CA ALA B 350 -20.63 -4.71 -25.14
C ALA B 350 -19.18 -4.89 -25.56
N LEU B 351 -18.53 -3.84 -26.06
CA LEU B 351 -17.11 -3.87 -26.37
C LEU B 351 -16.23 -3.43 -25.21
N THR B 352 -16.60 -2.37 -24.50
CA THR B 352 -15.88 -1.94 -23.32
C THR B 352 -16.10 -2.87 -22.14
N LEU B 353 -16.93 -3.90 -22.30
CA LEU B 353 -17.02 -4.99 -21.33
C LEU B 353 -16.20 -6.19 -21.75
N TRP B 354 -16.14 -6.51 -23.05
CA TRP B 354 -15.22 -7.53 -23.52
C TRP B 354 -13.77 -7.12 -23.38
N LEU B 355 -13.49 -5.82 -23.40
CA LEU B 355 -12.13 -5.33 -23.21
C LEU B 355 -11.69 -5.32 -21.75
N HIS B 356 -12.61 -5.03 -20.83
CA HIS B 356 -12.29 -5.08 -19.42
C HIS B 356 -12.21 -6.50 -18.88
N VAL B 357 -12.72 -7.47 -19.62
CA VAL B 357 -12.60 -8.88 -19.22
C VAL B 357 -11.26 -9.48 -19.63
N ILE B 358 -10.84 -9.28 -20.88
CA ILE B 358 -9.58 -9.78 -21.36
C ILE B 358 -8.41 -8.97 -20.80
N ASP B 359 -8.70 -7.94 -20.01
CA ASP B 359 -7.68 -7.25 -19.24
C ASP B 359 -7.64 -7.65 -17.78
N ALA B 360 -8.78 -7.86 -17.13
CA ALA B 360 -8.78 -8.47 -15.81
C ALA B 360 -8.24 -9.89 -15.85
N ARG B 361 -8.34 -10.55 -17.00
CA ARG B 361 -7.77 -11.87 -17.17
C ARG B 361 -6.28 -11.84 -17.50
N PHE B 362 -5.79 -10.75 -18.07
CA PHE B 362 -4.38 -10.62 -18.40
C PHE B 362 -3.57 -10.05 -17.26
N ALA B 363 -4.14 -9.11 -16.50
CA ALA B 363 -3.45 -8.59 -15.32
C ALA B 363 -3.14 -9.71 -14.34
N ARG B 364 -4.07 -10.65 -14.18
CA ARG B 364 -3.81 -11.79 -13.30
C ARG B 364 -2.77 -12.73 -13.87
N ALA B 365 -2.88 -13.12 -15.14
CA ALA B 365 -1.88 -13.97 -15.77
C ALA B 365 -0.50 -13.34 -15.78
N LEU B 366 -0.42 -12.02 -15.65
CA LEU B 366 0.86 -11.32 -15.57
C LEU B 366 1.38 -11.20 -14.14
N ARG B 367 0.55 -10.81 -13.18
CA ARG B 367 0.97 -10.71 -11.80
C ARG B 367 0.99 -12.07 -11.10
N LEU B 368 0.69 -13.14 -11.84
CA LEU B 368 0.94 -14.49 -11.39
C LEU B 368 2.26 -15.02 -11.94
N ARG B 369 2.79 -14.40 -12.99
CA ARG B 369 4.14 -14.63 -13.46
C ARG B 369 5.17 -13.83 -12.68
N LEU B 370 4.75 -12.75 -12.01
CA LEU B 370 5.65 -11.91 -11.24
C LEU B 370 6.04 -12.60 -9.94
N LEU B 371 5.05 -13.09 -9.20
CA LEU B 371 5.30 -13.70 -7.89
C LEU B 371 5.53 -15.20 -8.07
N SER B 372 5.94 -15.56 -9.29
CA SER B 372 6.41 -16.90 -9.57
C SER B 372 7.81 -16.79 -10.17
N LYS B 373 8.16 -15.57 -10.58
CA LYS B 373 9.51 -15.23 -11.00
C LYS B 373 10.36 -14.75 -9.83
N LEU B 374 9.83 -13.85 -9.01
CA LEU B 374 10.57 -13.34 -7.86
C LEU B 374 10.43 -14.24 -6.65
N SER B 375 9.93 -15.46 -6.82
CA SER B 375 10.02 -16.49 -5.81
C SER B 375 11.30 -17.30 -5.98
N ARG B 376 12.13 -16.89 -6.94
CA ARG B 376 13.45 -17.53 -7.08
C ARG B 376 14.56 -16.53 -7.37
N LEU B 377 14.38 -15.28 -7.09
CA LEU B 377 15.46 -14.30 -7.16
C LEU B 377 16.28 -14.36 -5.87
N PRO B 378 17.56 -14.02 -5.92
CA PRO B 378 18.37 -14.04 -4.69
C PRO B 378 17.82 -13.03 -3.69
N LEU B 379 17.92 -13.38 -2.41
CA LEU B 379 17.37 -12.53 -1.35
C LEU B 379 17.96 -11.13 -1.37
N GLY B 380 19.11 -10.93 -2.00
CA GLY B 380 19.64 -9.60 -2.16
C GLY B 380 18.79 -8.67 -2.98
N TRP B 381 17.91 -9.21 -3.82
CA TRP B 381 16.96 -8.42 -4.57
C TRP B 381 15.80 -7.94 -3.72
N PHE B 382 15.50 -8.64 -2.62
CA PHE B 382 14.44 -8.24 -1.71
C PHE B 382 14.88 -7.21 -0.68
N THR B 383 16.09 -7.32 -0.14
CA THR B 383 16.58 -6.42 0.88
C THR B 383 17.15 -5.13 0.30
N SER B 384 16.86 -4.85 -0.97
CA SER B 384 17.21 -3.57 -1.59
C SER B 384 15.99 -2.78 -2.02
N ARG B 385 14.93 -3.45 -2.45
CA ARG B 385 13.68 -2.75 -2.76
C ARG B 385 12.88 -2.48 -1.50
N GLY B 386 12.86 -3.42 -0.57
CA GLY B 386 11.98 -3.33 0.59
C GLY B 386 10.71 -4.11 0.37
N SER B 387 9.71 -3.80 1.19
CA SER B 387 8.40 -4.40 1.05
C SER B 387 7.36 -3.45 0.49
N GLY B 388 7.63 -2.14 0.48
CA GLY B 388 6.74 -1.18 -0.14
C GLY B 388 7.00 -0.93 -1.60
N SER B 389 8.21 -1.24 -2.08
CA SER B 389 8.53 -1.15 -3.48
C SER B 389 8.35 -2.47 -4.21
N ILE B 390 8.12 -3.56 -3.49
CA ILE B 390 7.73 -4.82 -4.09
C ILE B 390 6.22 -4.96 -4.18
N LYS B 391 5.48 -4.56 -3.15
CA LYS B 391 4.03 -4.48 -3.25
C LYS B 391 3.58 -3.54 -4.35
N LYS B 392 4.23 -2.39 -4.50
CA LYS B 392 3.90 -1.48 -5.59
C LYS B 392 4.12 -2.13 -6.95
N LEU B 393 5.30 -2.69 -7.18
CA LEU B 393 5.62 -3.35 -8.43
C LEU B 393 4.59 -4.40 -8.85
N VAL B 394 3.96 -5.08 -7.91
CA VAL B 394 3.03 -6.14 -8.25
C VAL B 394 1.60 -5.61 -8.36
N THR B 395 1.19 -4.75 -7.44
CA THR B 395 -0.19 -4.29 -7.41
C THR B 395 -0.42 -3.04 -8.26
N ASP B 396 0.33 -1.97 -8.02
CA ASP B 396 0.08 -0.70 -8.67
C ASP B 396 0.79 -0.54 -9.99
N ASP B 397 1.56 -1.53 -10.42
CA ASP B 397 2.20 -1.51 -11.72
C ASP B 397 1.51 -2.39 -12.76
N THR B 398 0.86 -3.47 -12.34
CA THR B 398 -0.01 -4.22 -13.25
C THR B 398 -1.39 -3.61 -13.33
N LEU B 399 -1.72 -2.67 -12.45
CA LEU B 399 -2.96 -1.91 -12.51
C LEU B 399 -2.80 -0.63 -13.32
N ALA B 400 -1.57 -0.17 -13.52
CA ALA B 400 -1.30 1.03 -14.31
C ALA B 400 -1.33 0.76 -15.81
N LEU B 401 -1.46 -0.50 -16.21
CA LEU B 401 -1.61 -0.85 -17.62
C LEU B 401 -3.07 -0.90 -18.04
N HIS B 402 -3.97 -0.63 -17.12
CA HIS B 402 -5.38 -0.67 -17.53
C HIS B 402 -5.47 0.19 -18.76
N TYR B 403 -5.47 1.48 -18.58
CA TYR B 403 -5.76 2.34 -19.72
C TYR B 403 -5.05 1.88 -20.96
N LEU B 404 -3.74 1.63 -20.87
CA LEU B 404 -2.97 1.22 -22.03
C LEU B 404 -3.52 -0.02 -22.71
N VAL B 405 -4.16 -0.92 -21.96
CA VAL B 405 -4.69 -2.13 -22.55
C VAL B 405 -6.11 -1.91 -23.05
N THR B 406 -7.04 -1.56 -22.16
CA THR B 406 -8.45 -1.64 -22.53
C THR B 406 -8.89 -0.48 -23.41
N HIS B 407 -8.89 0.69 -22.78
CA HIS B 407 -9.31 1.93 -23.46
C HIS B 407 -8.16 2.80 -23.90
N ALA B 408 -7.28 2.32 -24.73
CA ALA B 408 -6.23 3.15 -25.32
C ALA B 408 -6.29 3.09 -26.83
N VAL B 409 -6.53 1.91 -27.38
CA VAL B 409 -6.66 1.72 -28.82
C VAL B 409 -8.06 2.15 -29.27
N PRO B 410 -9.14 1.82 -28.56
CA PRO B 410 -10.45 2.37 -28.95
C PRO B 410 -10.49 3.89 -28.94
N ASP B 411 -9.95 4.54 -27.91
CA ASP B 411 -9.96 5.99 -27.83
C ASP B 411 -9.10 6.64 -28.89
N ALA B 412 -8.07 5.97 -29.37
CA ALA B 412 -7.20 6.51 -30.40
C ALA B 412 -7.62 6.13 -31.80
N VAL B 413 -8.53 5.17 -31.95
CA VAL B 413 -9.07 4.79 -33.25
C VAL B 413 -10.44 5.40 -33.50
N ALA B 414 -11.12 5.85 -32.45
CA ALA B 414 -12.34 6.63 -32.61
C ALA B 414 -12.05 8.11 -32.85
N ALA B 415 -11.07 8.68 -32.13
CA ALA B 415 -10.70 10.08 -32.28
C ALA B 415 -9.98 10.36 -33.59
N VAL B 416 -9.83 9.34 -34.43
CA VAL B 416 -9.27 9.51 -35.76
C VAL B 416 -10.28 9.29 -36.87
N VAL B 417 -11.28 8.44 -36.68
CA VAL B 417 -12.28 8.18 -37.70
C VAL B 417 -13.56 8.98 -37.49
N ALA B 418 -13.84 9.46 -36.28
CA ALA B 418 -14.98 10.34 -36.12
C ALA B 418 -14.64 11.75 -36.60
N PRO B 419 -13.61 12.43 -36.04
CA PRO B 419 -13.32 13.80 -36.51
C PRO B 419 -12.92 13.84 -37.96
N VAL B 420 -11.98 12.98 -38.35
CA VAL B 420 -11.60 12.89 -39.76
C VAL B 420 -12.68 12.08 -40.46
N GLY B 421 -13.63 12.80 -41.04
CA GLY B 421 -14.76 12.21 -41.72
C GLY B 421 -16.03 12.96 -41.38
N VAL B 422 -16.18 13.36 -40.11
CA VAL B 422 -17.22 14.33 -39.80
C VAL B 422 -16.77 15.73 -40.18
N LEU B 423 -15.46 15.93 -40.38
CA LEU B 423 -14.94 17.16 -40.93
C LEU B 423 -14.70 17.08 -42.44
N VAL B 424 -14.82 15.89 -43.02
CA VAL B 424 -14.70 15.73 -44.46
C VAL B 424 -16.08 15.89 -45.07
N TYR B 425 -17.08 15.28 -44.44
CA TYR B 425 -18.45 15.43 -44.93
C TYR B 425 -18.95 16.86 -44.83
N LEU B 426 -18.40 17.65 -43.92
CA LEU B 426 -18.87 19.02 -43.71
C LEU B 426 -18.15 20.04 -44.59
N PHE B 427 -17.01 19.68 -45.18
CA PHE B 427 -16.33 20.54 -46.13
C PHE B 427 -16.88 20.41 -47.54
N VAL B 428 -17.75 19.43 -47.80
CA VAL B 428 -18.39 19.33 -49.09
C VAL B 428 -19.80 19.92 -49.10
N VAL B 429 -20.42 20.10 -47.93
CA VAL B 429 -21.71 20.78 -47.89
C VAL B 429 -21.51 22.29 -47.90
N ASP B 430 -20.53 22.78 -47.15
CA ASP B 430 -20.18 24.20 -47.16
C ASP B 430 -18.78 24.35 -46.61
N TRP B 431 -17.82 24.74 -47.45
CA TRP B 431 -16.45 24.91 -46.99
C TRP B 431 -16.30 26.15 -46.13
N ARG B 432 -17.18 27.13 -46.31
CA ARG B 432 -17.05 28.41 -45.61
C ARG B 432 -17.28 28.23 -44.11
N VAL B 433 -18.43 27.64 -43.74
CA VAL B 433 -18.72 27.40 -42.33
C VAL B 433 -17.84 26.34 -41.71
N ALA B 434 -17.49 25.29 -42.46
CA ALA B 434 -16.64 24.23 -41.95
C ALA B 434 -15.19 24.67 -41.79
N LEU B 435 -14.83 25.83 -42.34
CA LEU B 435 -13.50 26.39 -42.14
C LEU B 435 -13.36 27.09 -40.79
N VAL B 436 -14.48 27.46 -40.17
CA VAL B 436 -14.47 28.05 -38.83
C VAL B 436 -14.30 26.99 -37.75
N LEU B 437 -14.81 25.79 -37.96
CA LEU B 437 -14.71 24.71 -36.99
C LEU B 437 -13.28 24.24 -36.76
N PHE B 438 -12.33 24.68 -37.59
CA PHE B 438 -10.92 24.45 -37.33
C PHE B 438 -10.37 25.40 -36.28
N GLY B 439 -11.11 26.43 -35.92
CA GLY B 439 -10.72 27.35 -34.88
C GLY B 439 -10.51 26.67 -33.55
N PRO B 440 -11.53 25.95 -33.05
CA PRO B 440 -11.34 25.16 -31.83
C PRO B 440 -10.38 24.00 -31.98
N VAL B 441 -10.31 23.36 -33.15
CA VAL B 441 -9.37 22.26 -33.36
C VAL B 441 -7.92 22.72 -33.33
N LEU B 442 -7.64 23.94 -33.80
CA LEU B 442 -6.30 24.48 -33.72
C LEU B 442 -5.92 24.92 -32.32
N VAL B 443 -6.87 25.43 -31.53
CA VAL B 443 -6.59 25.78 -30.15
C VAL B 443 -6.42 24.54 -29.29
N TYR B 444 -7.18 23.48 -29.57
CA TYR B 444 -7.03 22.21 -28.88
C TYR B 444 -5.68 21.55 -29.12
N LEU B 445 -5.19 21.59 -30.37
CA LEU B 445 -3.92 20.95 -30.70
C LEU B 445 -2.73 21.62 -30.03
N THR B 446 -2.81 22.91 -29.70
CA THR B 446 -1.71 23.57 -29.01
C THR B 446 -1.76 23.30 -27.51
N ILE B 447 -2.95 23.35 -26.92
CA ILE B 447 -3.10 23.07 -25.50
C ILE B 447 -2.82 21.60 -25.17
N THR B 448 -3.02 20.69 -26.13
CA THR B 448 -2.69 19.30 -25.92
C THR B 448 -1.26 18.96 -26.28
N SER B 449 -0.57 19.84 -27.02
CA SER B 449 0.84 19.63 -27.34
C SER B 449 1.77 20.31 -26.36
N SER B 450 1.30 21.35 -25.67
CA SER B 450 2.05 21.97 -24.59
C SER B 450 1.76 21.29 -23.25
N LEU B 451 1.15 20.11 -23.32
CA LEU B 451 0.88 19.29 -22.14
C LEU B 451 1.66 18.00 -22.12
N THR B 452 1.68 17.25 -23.22
CA THR B 452 2.56 16.10 -23.33
C THR B 452 4.03 16.51 -23.27
N ILE B 453 4.33 17.77 -23.57
CA ILE B 453 5.68 18.29 -23.41
C ILE B 453 5.92 18.67 -21.95
N GLN B 454 5.00 19.46 -21.38
CA GLN B 454 5.19 19.97 -20.03
C GLN B 454 5.21 18.89 -18.96
N SER B 455 4.34 17.89 -19.06
CA SER B 455 4.28 16.83 -18.04
C SER B 455 4.77 15.54 -18.69
N GLY B 456 6.08 15.39 -18.74
CA GLY B 456 6.71 14.15 -19.11
C GLY B 456 7.89 13.76 -18.24
N PRO B 457 8.46 14.71 -17.47
CA PRO B 457 9.36 14.31 -16.39
C PRO B 457 8.59 14.03 -15.10
N ARG B 458 7.36 14.54 -15.00
CA ARG B 458 6.55 14.38 -13.81
C ARG B 458 5.66 13.15 -13.88
N ILE B 459 5.78 12.36 -14.95
CA ILE B 459 5.19 11.03 -14.99
C ILE B 459 6.17 9.97 -14.49
N VAL B 460 7.47 10.19 -14.65
CA VAL B 460 8.46 9.36 -14.00
C VAL B 460 8.81 9.86 -12.60
N GLN B 461 8.79 11.17 -12.37
CA GLN B 461 9.02 11.74 -11.06
C GLN B 461 7.91 11.38 -10.07
N ALA B 462 6.73 11.00 -10.54
CA ALA B 462 5.63 10.62 -9.69
C ALA B 462 5.61 9.13 -9.37
N GLN B 463 6.39 8.33 -10.10
CA GLN B 463 6.60 6.93 -9.75
C GLN B 463 7.71 6.75 -8.73
N ARG B 464 8.63 7.70 -8.62
CA ARG B 464 9.61 7.71 -7.55
C ARG B 464 9.03 8.19 -6.23
N TRP B 465 7.87 8.84 -6.26
CA TRP B 465 7.19 9.25 -5.03
C TRP B 465 6.20 8.21 -4.53
N ALA B 466 5.60 7.44 -5.43
CA ALA B 466 4.70 6.37 -5.00
C ALA B 466 5.45 5.30 -4.24
N GLU B 467 6.55 4.79 -4.81
CA GLU B 467 7.35 3.78 -4.15
C GLU B 467 8.18 4.33 -3.00
N LYS B 468 8.20 5.65 -2.84
CA LYS B 468 8.84 6.27 -1.69
C LYS B 468 7.86 6.55 -0.56
N MET B 469 6.57 6.73 -0.86
CA MET B 469 5.55 6.86 0.15
C MET B 469 5.03 5.51 0.63
N ASN B 470 5.05 4.48 -0.22
CA ASN B 470 4.75 3.14 0.24
C ASN B 470 5.73 2.65 1.31
N GLY B 471 7.02 2.92 1.14
CA GLY B 471 8.00 2.56 2.14
C GLY B 471 7.80 3.28 3.46
N GLU B 472 7.49 4.57 3.39
CA GLU B 472 7.23 5.33 4.61
C GLU B 472 5.96 4.83 5.30
N ALA B 473 4.93 4.49 4.53
CA ALA B 473 3.72 3.93 5.11
C ALA B 473 4.02 2.58 5.76
N GLY B 474 4.90 1.80 5.15
CA GLY B 474 5.26 0.52 5.75
C GLY B 474 6.01 0.67 7.06
N SER B 475 6.99 1.57 7.08
CA SER B 475 7.85 1.75 8.24
C SER B 475 7.24 2.67 9.29
N TYR B 476 6.10 3.27 9.01
CA TYR B 476 5.41 4.10 9.99
C TYR B 476 4.36 3.35 10.77
N LEU B 477 3.79 2.27 10.25
CA LEU B 477 2.84 1.46 10.98
C LEU B 477 3.49 0.32 11.74
N GLU B 478 4.60 -0.21 11.22
CA GLU B 478 5.28 -1.34 11.87
C GLU B 478 6.14 -0.88 13.02
N GLY B 479 6.89 0.21 12.84
CA GLY B 479 7.72 0.74 13.90
C GLY B 479 6.99 1.77 14.73
N GLN B 480 5.77 1.46 15.13
CA GLN B 480 4.96 2.38 15.90
C GLN B 480 5.40 2.44 17.36
N PRO B 481 5.77 1.34 18.01
CA PRO B 481 6.31 1.44 19.38
C PRO B 481 7.58 2.26 19.50
N VAL B 482 8.34 2.43 18.42
CA VAL B 482 9.53 3.27 18.47
C VAL B 482 9.21 4.75 18.30
N ILE B 483 8.25 5.09 17.44
CA ILE B 483 7.85 6.48 17.24
C ILE B 483 7.13 7.04 18.45
N ARG B 484 6.57 6.19 19.31
CA ARG B 484 5.89 6.66 20.51
C ARG B 484 6.83 6.90 21.68
N VAL B 485 8.08 6.44 21.59
CA VAL B 485 9.08 6.66 22.63
C VAL B 485 10.04 7.76 22.24
N PHE B 486 10.56 7.73 21.01
CA PHE B 486 11.61 8.66 20.63
C PHE B 486 11.05 9.87 19.90
N GLY B 487 9.97 9.69 19.18
CA GLY B 487 9.25 10.82 18.61
C GLY B 487 9.86 11.47 17.39
N ALA B 488 11.16 11.74 17.44
CA ALA B 488 11.88 12.37 16.35
C ALA B 488 12.19 11.40 15.22
N ALA B 489 11.72 10.15 15.33
CA ALA B 489 11.86 9.19 14.24
C ALA B 489 10.79 9.37 13.18
N SER B 490 9.69 10.04 13.53
CA SER B 490 8.65 10.35 12.54
C SER B 490 9.00 11.59 11.75
N SER B 491 10.16 12.21 12.03
CA SER B 491 10.60 13.39 11.32
C SER B 491 10.81 13.07 9.85
N SER B 492 11.47 11.94 9.57
CA SER B 492 11.75 11.57 8.19
C SER B 492 10.51 11.17 7.42
N PHE B 493 9.39 10.90 8.11
CA PHE B 493 8.13 10.68 7.43
C PHE B 493 7.31 11.95 7.26
N ARG B 494 7.31 12.81 8.26
CA ARG B 494 6.61 14.09 8.17
C ARG B 494 7.34 15.10 7.29
N ARG B 495 8.60 14.84 6.95
CA ARG B 495 9.32 15.68 6.01
C ARG B 495 9.34 15.15 4.59
N ARG B 496 9.16 13.83 4.40
CA ARG B 496 8.93 13.27 3.09
C ARG B 496 7.44 13.27 2.74
N LEU B 497 6.64 13.97 3.52
CA LEU B 497 5.22 14.15 3.24
C LEU B 497 4.84 15.57 2.85
N ASP B 498 5.41 16.60 3.50
CA ASP B 498 5.26 17.96 3.02
C ASP B 498 5.90 18.17 1.66
N GLU B 499 6.83 17.31 1.27
CA GLU B 499 7.39 17.33 -0.08
C GLU B 499 6.52 16.63 -1.09
N TYR B 500 5.91 15.50 -0.72
CA TYR B 500 4.97 14.84 -1.61
C TYR B 500 3.74 15.70 -1.86
N ILE B 501 3.20 16.32 -0.81
CA ILE B 501 2.12 17.28 -1.00
C ILE B 501 2.56 18.46 -1.83
N GLY B 502 3.75 19.00 -1.58
CA GLY B 502 4.28 20.08 -2.37
C GLY B 502 4.63 19.71 -3.80
N PHE B 503 4.79 18.42 -4.08
CA PHE B 503 4.98 17.95 -5.45
C PHE B 503 3.66 17.73 -6.17
N LEU B 504 2.66 17.19 -5.49
CA LEU B 504 1.34 17.08 -6.07
C LEU B 504 0.75 18.45 -6.37
N VAL B 505 0.95 19.40 -5.45
CA VAL B 505 0.38 20.73 -5.62
C VAL B 505 0.89 21.38 -6.89
N ALA B 506 2.21 21.47 -7.05
CA ALA B 506 2.73 22.03 -8.29
C ALA B 506 2.98 20.93 -9.32
N TRP B 507 2.02 20.03 -9.46
CA TRP B 507 1.95 19.15 -10.62
C TRP B 507 0.52 19.16 -11.15
N GLN B 508 -0.45 19.20 -10.24
CA GLN B 508 -1.86 19.19 -10.60
C GLN B 508 -2.43 20.59 -10.76
N ARG B 509 -1.75 21.61 -10.24
CA ARG B 509 -2.24 22.97 -10.37
C ARG B 509 -2.15 23.47 -11.81
N PRO B 510 -1.00 23.36 -12.48
CA PRO B 510 -0.94 23.80 -13.88
C PRO B 510 -1.48 22.81 -14.87
N LEU B 511 -1.82 21.59 -14.44
CA LEU B 511 -2.38 20.59 -15.32
C LEU B 511 -3.90 20.65 -15.42
N ALA B 512 -4.58 20.91 -14.31
CA ALA B 512 -6.04 21.01 -14.34
C ALA B 512 -6.53 22.25 -15.07
N GLY B 513 -5.70 23.30 -15.16
CA GLY B 513 -6.09 24.46 -15.93
C GLY B 513 -6.01 24.20 -17.42
N LYS B 514 -4.96 23.50 -17.86
CA LYS B 514 -4.83 23.11 -19.25
C LYS B 514 -5.76 21.97 -19.63
N LYS B 515 -6.25 21.21 -18.66
CA LYS B 515 -7.28 20.22 -18.90
C LYS B 515 -8.67 20.83 -18.95
N THR B 516 -8.82 22.09 -18.53
CA THR B 516 -10.06 22.82 -18.62
C THR B 516 -10.12 23.74 -19.83
N LEU B 517 -9.03 24.42 -20.15
CA LEU B 517 -8.94 25.15 -21.41
C LEU B 517 -9.01 24.23 -22.61
N MET B 518 -8.73 22.95 -22.43
CA MET B 518 -8.82 21.94 -23.47
C MET B 518 -10.23 21.37 -23.59
N ASP B 519 -11.06 21.54 -22.54
CA ASP B 519 -12.45 21.16 -22.60
C ASP B 519 -13.37 22.30 -23.04
N LEU B 520 -13.04 23.54 -22.69
CA LEU B 520 -13.82 24.69 -23.15
C LEU B 520 -13.71 24.87 -24.66
N ALA B 521 -12.61 24.47 -25.26
CA ALA B 521 -12.43 24.57 -26.71
C ALA B 521 -13.00 23.39 -27.46
N THR B 522 -13.19 22.25 -26.78
CA THR B 522 -13.65 21.03 -27.41
C THR B 522 -15.09 20.72 -27.03
N ARG B 523 -15.75 21.63 -26.31
CA ARG B 523 -17.09 21.39 -25.82
C ARG B 523 -18.11 21.57 -26.93
N PRO B 524 -19.17 20.76 -26.95
CA PRO B 524 -20.22 20.91 -27.98
C PRO B 524 -21.03 22.19 -27.87
N ALA B 525 -20.87 22.96 -26.80
CA ALA B 525 -21.51 24.26 -26.68
C ALA B 525 -20.68 25.37 -27.32
N THR B 526 -19.42 25.09 -27.64
CA THR B 526 -18.57 26.02 -28.38
C THR B 526 -18.76 25.92 -29.88
N PHE B 527 -18.82 24.70 -30.41
CA PHE B 527 -19.15 24.52 -31.82
C PHE B 527 -20.55 25.01 -32.13
N LEU B 528 -21.51 24.78 -31.24
CA LEU B 528 -22.88 25.24 -31.46
C LEU B 528 -23.01 26.75 -31.44
N TRP B 529 -22.06 27.46 -30.82
CA TRP B 529 -22.03 28.90 -30.91
C TRP B 529 -21.27 29.40 -32.12
N LEU B 530 -20.14 28.78 -32.45
CA LEU B 530 -19.40 29.18 -33.64
C LEU B 530 -20.23 28.99 -34.89
N ILE B 531 -20.89 27.83 -35.02
CA ILE B 531 -21.76 27.57 -36.16
C ILE B 531 -22.90 28.57 -36.23
N ALA B 532 -23.57 28.81 -35.11
CA ALA B 532 -24.68 29.74 -35.06
C ALA B 532 -24.25 31.18 -35.31
N ALA B 533 -22.98 31.51 -35.08
CA ALA B 533 -22.50 32.86 -35.32
C ALA B 533 -21.96 33.07 -36.72
N THR B 534 -21.42 32.03 -37.36
CA THR B 534 -20.94 32.18 -38.72
C THR B 534 -22.00 31.83 -39.77
N GLY B 535 -23.06 31.14 -39.37
CA GLY B 535 -24.16 30.90 -40.27
C GLY B 535 -25.19 31.98 -40.31
N THR B 536 -25.33 32.76 -39.25
CA THR B 536 -26.19 33.93 -39.24
C THR B 536 -25.55 35.12 -39.92
N LEU B 537 -24.28 35.00 -40.31
CA LEU B 537 -23.61 35.98 -41.15
C LEU B 537 -23.76 35.69 -42.62
N LEU B 538 -23.93 34.43 -42.99
CA LEU B 538 -24.06 34.01 -44.38
C LEU B 538 -25.51 33.90 -44.83
N VAL B 539 -26.47 33.95 -43.90
CA VAL B 539 -27.88 33.88 -44.29
C VAL B 539 -28.49 35.27 -44.20
N ALA B 540 -28.01 36.09 -43.26
CA ALA B 540 -28.50 37.47 -43.17
C ALA B 540 -28.06 38.27 -44.39
N THR B 541 -26.88 37.97 -44.91
CA THR B 541 -26.36 38.59 -46.13
C THR B 541 -26.69 37.79 -47.38
N HIS B 542 -27.66 36.88 -47.28
CA HIS B 542 -28.16 36.07 -48.40
C HIS B 542 -27.07 35.25 -49.08
N ARG B 543 -25.91 35.08 -48.43
CA ARG B 543 -24.85 34.29 -49.03
C ARG B 543 -25.16 32.80 -48.93
N MET B 544 -25.78 32.38 -47.85
CA MET B 544 -26.14 30.99 -47.62
C MET B 544 -27.66 30.81 -47.62
N ASP B 545 -28.08 29.56 -47.52
CA ASP B 545 -29.46 29.13 -47.36
C ASP B 545 -29.60 28.40 -46.03
N PRO B 546 -30.56 28.78 -45.20
CA PRO B 546 -30.59 28.25 -43.82
C PRO B 546 -30.81 26.76 -43.72
N VAL B 547 -31.08 26.09 -44.85
CA VAL B 547 -31.31 24.65 -44.85
C VAL B 547 -30.01 23.87 -44.93
N ASN B 548 -28.91 24.52 -45.30
CA ASN B 548 -27.60 23.88 -45.29
C ASN B 548 -26.89 23.98 -43.95
N LEU B 549 -27.49 24.67 -42.98
CA LEU B 549 -26.91 24.71 -41.64
C LEU B 549 -27.24 23.42 -40.89
N LEU B 550 -28.35 22.79 -41.23
CA LEU B 550 -28.84 21.58 -40.58
C LEU B 550 -27.77 20.48 -40.50
N PRO B 551 -27.00 20.21 -41.56
CA PRO B 551 -25.92 19.21 -41.42
C PRO B 551 -24.87 19.60 -40.42
N PHE B 552 -24.79 20.87 -40.02
CA PHE B 552 -23.82 21.30 -39.03
C PHE B 552 -24.33 21.16 -37.60
N MET B 553 -25.56 21.58 -37.33
CA MET B 553 -26.08 21.59 -35.97
C MET B 553 -26.06 20.22 -35.31
N PHE B 554 -26.18 19.15 -36.09
CA PHE B 554 -26.23 17.80 -35.55
C PHE B 554 -24.92 17.03 -35.69
N LEU B 555 -23.99 17.49 -36.52
CA LEU B 555 -22.77 16.75 -36.77
C LEU B 555 -21.50 17.44 -36.29
N GLY B 556 -21.44 18.78 -36.31
CA GLY B 556 -20.24 19.46 -35.89
C GLY B 556 -20.02 19.49 -34.40
N THR B 557 -20.89 18.84 -33.63
CA THR B 557 -20.75 18.79 -32.18
C THR B 557 -20.42 17.41 -31.65
N THR B 558 -20.17 16.43 -32.52
CA THR B 558 -20.00 15.06 -32.06
C THR B 558 -18.54 14.76 -31.73
N PHE B 559 -17.61 15.13 -32.62
CA PHE B 559 -16.22 14.72 -32.51
C PHE B 559 -15.49 15.34 -31.32
N GLY B 560 -16.09 16.32 -30.65
CA GLY B 560 -15.47 16.89 -29.48
C GLY B 560 -15.21 15.87 -28.39
N ALA B 561 -16.19 15.00 -28.15
CA ALA B 561 -16.03 13.99 -27.11
C ALA B 561 -14.85 13.07 -27.41
N ARG B 562 -14.70 12.68 -28.67
CA ARG B 562 -13.61 11.79 -29.04
C ARG B 562 -12.26 12.47 -28.89
N LEU B 563 -12.17 13.72 -29.36
CA LEU B 563 -10.92 14.47 -29.22
C LEU B 563 -10.54 14.62 -27.76
N LEU B 564 -11.49 15.02 -26.92
CA LEU B 564 -11.21 15.17 -25.50
C LEU B 564 -10.86 13.86 -24.84
N GLY B 565 -11.48 12.76 -25.27
CA GLY B 565 -11.19 11.47 -24.67
C GLY B 565 -9.79 10.98 -24.99
N ILE B 566 -9.33 11.21 -26.21
CA ILE B 566 -7.95 10.84 -26.52
C ILE B 566 -6.97 11.81 -25.87
N ALA B 567 -7.36 13.06 -25.64
CA ALA B 567 -6.43 14.01 -25.05
C ALA B 567 -6.27 13.78 -23.55
N TYR B 568 -7.36 13.46 -22.86
CA TYR B 568 -7.31 13.25 -21.42
C TYR B 568 -6.64 11.92 -21.08
N GLY B 569 -6.26 11.15 -22.09
CA GLY B 569 -5.74 9.82 -21.85
C GLY B 569 -4.34 9.62 -22.37
N LEU B 570 -3.52 10.66 -22.32
CA LEU B 570 -2.10 10.52 -22.61
C LEU B 570 -1.27 10.32 -21.36
N GLY B 571 -1.69 10.85 -20.23
CA GLY B 571 -1.03 10.58 -18.97
C GLY B 571 -1.06 9.10 -18.63
N GLY B 572 -2.24 8.49 -18.76
CA GLY B 572 -2.36 7.06 -18.54
C GLY B 572 -1.62 6.22 -19.56
N LEU B 573 -1.65 6.63 -20.83
CA LEU B 573 -0.91 5.96 -21.89
C LEU B 573 0.59 6.03 -21.70
N ARG B 574 1.10 7.09 -21.08
CA ARG B 574 2.52 7.20 -20.81
C ARG B 574 2.93 6.58 -19.49
N THR B 575 2.01 6.49 -18.52
CA THR B 575 2.28 5.75 -17.30
C THR B 575 2.25 4.24 -17.53
N GLY B 576 1.39 3.76 -18.42
CA GLY B 576 1.38 2.37 -18.80
C GLY B 576 2.60 1.93 -19.57
N LEU B 577 3.41 2.86 -20.06
CA LEU B 577 4.67 2.52 -20.70
C LEU B 577 5.85 2.55 -19.74
N LEU B 578 5.72 3.26 -18.62
CA LEU B 578 6.71 3.17 -17.55
C LEU B 578 6.47 1.91 -16.71
N ALA B 579 5.21 1.63 -16.40
CA ALA B 579 4.89 0.41 -15.68
C ALA B 579 5.32 -0.82 -16.45
N ALA B 580 5.04 -0.85 -17.76
CA ALA B 580 5.41 -1.98 -18.59
C ALA B 580 6.91 -2.10 -18.79
N ARG B 581 7.67 -1.04 -18.56
CA ARG B 581 9.12 -1.07 -18.61
C ARG B 581 9.74 -1.49 -17.29
N HIS B 582 9.10 -1.15 -16.18
CA HIS B 582 9.54 -1.64 -14.88
C HIS B 582 9.18 -3.10 -14.66
N LEU B 583 8.10 -3.57 -15.28
CA LEU B 583 7.69 -4.96 -15.14
C LEU B 583 8.47 -5.91 -16.05
N GLN B 584 9.14 -5.39 -17.08
CA GLN B 584 9.90 -6.23 -17.98
C GLN B 584 11.39 -6.24 -17.66
N VAL B 585 11.90 -5.19 -17.03
CA VAL B 585 13.27 -5.23 -16.51
C VAL B 585 13.37 -6.14 -15.29
N THR B 586 12.24 -6.46 -14.64
CA THR B 586 12.22 -7.39 -13.53
C THR B 586 12.00 -8.83 -13.97
N LEU B 587 11.20 -9.07 -15.00
CA LEU B 587 10.98 -10.41 -15.53
C LEU B 587 12.14 -10.87 -16.40
N ASP B 588 13.22 -10.09 -16.48
CA ASP B 588 14.42 -10.49 -17.17
C ASP B 588 15.62 -10.63 -16.24
N GLU B 589 15.41 -10.52 -14.94
CA GLU B 589 16.49 -10.59 -13.97
C GLU B 589 17.18 -11.96 -14.03
N THR B 590 18.37 -12.02 -13.42
CA THR B 590 19.11 -13.27 -13.29
C THR B 590 18.69 -13.93 -11.99
N GLU B 591 18.10 -15.12 -12.10
CA GLU B 591 17.51 -15.82 -10.98
C GLU B 591 18.48 -16.90 -10.47
N LEU B 592 18.01 -17.73 -9.54
CA LEU B 592 18.80 -18.83 -9.00
C LEU B 592 18.48 -20.09 -9.81
N ALA B 593 19.30 -20.36 -10.82
CA ALA B 593 19.09 -21.53 -11.66
C ALA B 593 19.34 -22.81 -10.86
N VAL B 594 18.71 -23.89 -11.30
CA VAL B 594 18.69 -25.13 -10.53
C VAL B 594 19.42 -26.24 -11.27
N ARG B 595 20.40 -25.88 -12.09
CA ARG B 595 21.27 -26.85 -12.74
C ARG B 595 22.71 -26.34 -12.84
N GLU B 596 23.01 -25.21 -12.21
CA GLU B 596 24.23 -24.44 -12.45
C GLU B 596 25.49 -25.29 -12.56
N HIS B 597 25.86 -26.02 -11.50
CA HIS B 597 27.05 -26.85 -11.63
C HIS B 597 27.09 -27.99 -10.63
N PRO B 598 26.58 -29.17 -10.99
CA PRO B 598 26.85 -30.37 -10.19
C PRO B 598 28.03 -31.16 -10.73
N ARG B 599 28.87 -31.69 -9.83
CA ARG B 599 29.91 -32.62 -10.27
C ARG B 599 29.27 -33.95 -10.68
N GLU B 600 28.59 -34.59 -9.74
CA GLU B 600 27.93 -35.88 -9.87
C GLU B 600 27.19 -36.14 -8.56
N PRO B 601 26.22 -37.06 -8.52
CA PRO B 601 25.45 -37.25 -7.29
C PRO B 601 26.05 -38.23 -6.31
N LEU B 602 27.32 -38.59 -6.45
CA LEU B 602 27.85 -39.72 -5.69
C LEU B 602 29.32 -39.60 -5.34
N ASP B 603 29.93 -40.75 -5.01
CA ASP B 603 31.37 -40.91 -4.83
C ASP B 603 31.98 -40.09 -3.69
N GLY B 604 31.62 -40.41 -2.45
CA GLY B 604 32.42 -39.96 -1.34
C GLY B 604 31.66 -39.54 -0.10
N GLU B 605 30.43 -39.06 -0.26
CA GLU B 605 29.67 -38.50 0.84
C GLU B 605 28.33 -39.21 0.94
N ALA B 606 28.01 -39.67 2.14
CA ALA B 606 26.75 -40.33 2.39
C ALA B 606 25.59 -39.33 2.31
N PRO B 607 24.36 -39.80 2.32
CA PRO B 607 23.23 -38.87 2.41
C PRO B 607 23.25 -38.10 3.72
N ALA B 608 22.82 -36.83 3.65
CA ALA B 608 22.63 -35.96 4.79
C ALA B 608 23.93 -35.49 5.43
N THR B 609 25.02 -35.46 4.67
CA THR B 609 26.27 -34.85 5.13
C THR B 609 26.54 -33.60 4.29
N VAL B 610 26.69 -32.46 4.97
CA VAL B 610 26.96 -31.20 4.28
C VAL B 610 28.46 -30.98 4.18
N VAL B 611 28.90 -30.34 3.10
CA VAL B 611 30.31 -30.05 2.91
C VAL B 611 30.49 -28.66 2.31
N PHE B 612 31.08 -27.77 3.10
CA PHE B 612 31.61 -26.51 2.58
C PHE B 612 33.05 -26.75 2.16
N ASP B 613 33.46 -26.15 1.04
CA ASP B 613 34.87 -26.20 0.66
C ASP B 613 35.23 -24.92 -0.08
N HIS B 614 36.10 -24.13 0.54
CA HIS B 614 36.64 -22.90 -0.05
C HIS B 614 35.52 -21.97 -0.49
N VAL B 615 34.55 -21.77 0.38
CA VAL B 615 33.43 -20.90 0.08
C VAL B 615 33.82 -19.45 0.35
N THR B 616 33.47 -18.57 -0.58
CA THR B 616 33.75 -17.15 -0.46
C THR B 616 32.54 -16.38 -0.94
N PHE B 617 32.05 -15.46 -0.11
CA PHE B 617 30.82 -14.74 -0.41
C PHE B 617 30.90 -13.34 0.16
N GLY B 618 30.13 -12.44 -0.44
CA GLY B 618 30.05 -11.06 0.01
C GLY B 618 28.80 -10.41 -0.53
N TYR B 619 28.07 -9.69 0.33
CA TYR B 619 26.79 -9.13 -0.08
C TYR B 619 26.97 -8.00 -1.08
N ARG B 620 27.96 -7.14 -0.87
CA ARG B 620 28.32 -6.13 -1.84
C ARG B 620 29.47 -6.64 -2.68
N PRO B 621 29.53 -6.29 -3.97
CA PRO B 621 30.56 -6.87 -4.85
C PRO B 621 31.98 -6.73 -4.32
N GLY B 622 32.33 -5.55 -3.83
CA GLY B 622 33.67 -5.31 -3.33
C GLY B 622 34.02 -6.04 -2.05
N VAL B 623 33.24 -5.81 -1.00
CA VAL B 623 33.57 -6.28 0.34
C VAL B 623 33.14 -7.74 0.52
N PRO B 624 34.01 -8.59 1.07
CA PRO B 624 33.61 -9.96 1.39
C PRO B 624 33.15 -10.11 2.83
N VAL B 625 32.30 -11.11 3.04
CA VAL B 625 31.78 -11.41 4.36
C VAL B 625 32.35 -12.69 4.95
N ILE B 626 32.37 -13.79 4.20
CA ILE B 626 33.04 -15.02 4.60
C ILE B 626 34.17 -15.27 3.61
N GLN B 627 35.29 -15.76 4.11
CA GLN B 627 36.50 -15.92 3.31
C GLN B 627 37.07 -17.32 3.51
N ASP B 628 36.87 -18.18 2.53
CA ASP B 628 37.52 -19.49 2.48
C ASP B 628 37.21 -20.37 3.69
N VAL B 629 35.95 -20.66 3.91
CA VAL B 629 35.74 -21.57 5.04
C VAL B 629 35.72 -22.97 4.43
N SER B 630 36.30 -23.96 5.10
CA SER B 630 36.20 -25.34 4.55
C SER B 630 34.97 -25.97 5.22
N LEU B 631 35.21 -26.66 6.32
CA LEU B 631 34.16 -27.24 7.23
C LEU B 631 33.28 -28.36 6.66
N THR B 632 32.92 -29.36 7.45
CA THR B 632 32.05 -30.43 6.97
C THR B 632 31.25 -31.03 8.11
N LEU B 633 29.97 -31.29 7.88
CA LEU B 633 29.10 -31.86 8.90
C LEU B 633 28.85 -33.33 8.61
N ARG B 634 29.07 -34.17 9.61
CA ARG B 634 28.90 -35.61 9.47
C ARG B 634 27.45 -35.99 9.61
N PRO B 635 27.06 -37.20 9.18
CA PRO B 635 25.64 -37.59 9.22
C PRO B 635 24.98 -37.44 10.58
N GLY B 636 25.56 -38.02 11.63
CA GLY B 636 24.89 -38.04 12.92
C GLY B 636 25.61 -37.34 14.06
N THR B 637 26.21 -36.17 13.79
CA THR B 637 26.95 -35.45 14.82
C THR B 637 26.44 -34.01 14.89
N VAL B 638 26.78 -33.35 16.00
CA VAL B 638 26.34 -31.98 16.25
C VAL B 638 27.53 -31.03 16.15
N THR B 639 27.38 -29.96 15.38
CA THR B 639 28.39 -28.92 15.25
C THR B 639 27.87 -27.62 15.89
N ALA B 640 28.80 -26.72 16.22
CA ALA B 640 28.47 -25.58 17.05
C ALA B 640 28.46 -24.25 16.30
N LEU B 641 29.54 -23.87 15.62
CA LEU B 641 29.61 -22.61 14.88
C LEU B 641 29.41 -21.41 15.82
N VAL B 642 30.42 -21.21 16.68
CA VAL B 642 30.41 -20.09 17.62
C VAL B 642 31.29 -18.98 17.08
N GLY B 643 31.22 -17.81 17.71
CA GLY B 643 32.06 -16.70 17.30
C GLY B 643 31.46 -15.35 17.64
N PRO B 644 32.24 -14.29 17.46
CA PRO B 644 31.76 -12.95 17.80
C PRO B 644 30.57 -12.53 16.96
N SER B 645 29.93 -11.45 17.40
CA SER B 645 28.77 -10.94 16.69
C SER B 645 29.20 -10.27 15.38
N GLY B 646 28.33 -10.36 14.38
CA GLY B 646 28.64 -9.81 13.08
C GLY B 646 29.82 -10.46 12.39
N SER B 647 29.96 -11.78 12.51
CA SER B 647 31.13 -12.46 11.97
C SER B 647 30.75 -13.63 11.08
N GLY B 648 29.75 -13.46 10.23
CA GLY B 648 29.41 -14.47 9.23
C GLY B 648 29.00 -15.83 9.74
N LYS B 649 27.87 -15.91 10.45
CA LYS B 649 27.28 -17.19 10.83
C LYS B 649 25.88 -17.35 10.26
N SER B 650 25.01 -16.37 10.47
CA SER B 650 23.73 -16.37 9.78
C SER B 650 23.93 -16.31 8.27
N THR B 651 25.02 -15.68 7.82
CA THR B 651 25.32 -15.68 6.39
C THR B 651 25.69 -17.07 5.90
N LEU B 652 26.48 -17.80 6.68
CA LEU B 652 26.82 -19.18 6.33
C LEU B 652 25.57 -20.03 6.22
N ALA B 653 24.70 -19.94 7.23
CA ALA B 653 23.45 -20.70 7.18
C ALA B 653 22.59 -20.27 5.99
N THR B 654 22.55 -18.98 5.70
CA THR B 654 21.73 -18.47 4.61
C THR B 654 22.19 -19.00 3.27
N LEU B 655 23.49 -18.90 2.98
CA LEU B 655 23.98 -19.42 1.71
C LEU B 655 24.07 -20.93 1.69
N LEU B 656 23.90 -21.60 2.82
CA LEU B 656 23.58 -23.03 2.79
C LEU B 656 22.13 -23.27 2.38
N ALA B 657 21.22 -22.37 2.74
CA ALA B 657 19.82 -22.46 2.36
C ALA B 657 19.60 -22.09 0.90
N ARG B 658 20.67 -21.87 0.14
CA ARG B 658 20.60 -21.37 -1.23
C ARG B 658 19.70 -20.15 -1.32
N PHE B 659 20.05 -19.11 -0.58
CA PHE B 659 19.43 -17.81 -0.74
C PHE B 659 20.32 -16.84 -1.50
N HIS B 660 21.61 -17.14 -1.64
CA HIS B 660 22.55 -16.12 -2.09
C HIS B 660 23.55 -16.59 -3.14
N ASP B 661 23.67 -17.90 -3.37
CA ASP B 661 24.44 -18.39 -4.51
C ASP B 661 25.90 -17.97 -4.45
N VAL B 662 26.69 -18.64 -3.58
CA VAL B 662 28.05 -18.22 -3.27
C VAL B 662 28.89 -18.03 -4.53
N GLU B 663 29.95 -17.24 -4.40
CA GLU B 663 30.74 -16.75 -5.52
C GLU B 663 31.99 -17.59 -5.80
N ARG B 664 32.50 -18.32 -4.82
CA ARG B 664 33.67 -19.16 -5.02
C ARG B 664 33.54 -20.39 -4.15
N GLY B 665 33.92 -21.54 -4.70
CA GLY B 665 33.78 -22.77 -3.96
C GLY B 665 32.38 -23.33 -4.05
N ALA B 666 32.21 -24.55 -3.56
CA ALA B 666 30.96 -25.27 -3.69
C ALA B 666 30.38 -25.60 -2.31
N ILE B 667 29.12 -26.00 -2.31
CA ILE B 667 28.44 -26.53 -1.13
C ILE B 667 27.67 -27.76 -1.58
N ARG B 668 27.99 -28.91 -0.99
CA ARG B 668 27.46 -30.19 -1.45
C ARG B 668 26.79 -30.91 -0.29
N VAL B 669 25.46 -30.76 -0.18
CA VAL B 669 24.70 -31.48 0.83
C VAL B 669 24.32 -32.86 0.30
N GLY B 670 24.87 -33.90 0.92
CA GLY B 670 24.58 -35.26 0.52
C GLY B 670 25.42 -35.79 -0.62
N GLY B 671 26.36 -35.00 -1.12
CA GLY B 671 27.18 -35.40 -2.27
C GLY B 671 26.91 -34.63 -3.53
N GLN B 672 25.86 -33.80 -3.58
CA GLN B 672 25.50 -33.07 -4.78
C GLN B 672 25.47 -31.58 -4.47
N ASP B 673 26.03 -30.78 -5.38
CA ASP B 673 26.00 -29.33 -5.23
C ASP B 673 24.57 -28.85 -5.06
N ILE B 674 24.38 -27.86 -4.19
CA ILE B 674 23.04 -27.35 -3.91
C ILE B 674 22.59 -26.46 -5.06
N ARG B 675 23.48 -26.20 -6.01
CA ARG B 675 23.15 -25.47 -7.22
C ARG B 675 22.59 -26.39 -8.31
N SER B 676 22.19 -27.60 -7.94
CA SER B 676 21.58 -28.52 -8.89
C SER B 676 20.40 -29.24 -8.26
N LEU B 677 20.07 -28.88 -7.02
CA LEU B 677 18.88 -29.38 -6.34
C LEU B 677 17.71 -28.48 -6.65
N ALA B 678 16.54 -29.09 -6.82
CA ALA B 678 15.38 -28.40 -7.39
C ALA B 678 14.78 -27.35 -6.47
N ALA B 679 15.38 -27.07 -5.31
CA ALA B 679 14.84 -26.12 -4.33
C ALA B 679 13.48 -26.57 -3.83
N ASP B 680 13.12 -27.79 -4.17
CA ASP B 680 11.94 -28.47 -3.67
C ASP B 680 12.36 -29.85 -3.21
N GLU B 681 13.59 -30.22 -3.54
CA GLU B 681 14.27 -31.36 -2.95
C GLU B 681 15.38 -30.93 -2.02
N LEU B 682 15.84 -29.68 -2.13
CA LEU B 682 16.79 -29.12 -1.18
C LEU B 682 16.16 -28.86 0.18
N TYR B 683 14.99 -28.24 0.22
CA TYR B 683 14.31 -27.91 1.47
C TYR B 683 13.60 -29.11 2.08
N THR B 684 13.67 -30.28 1.46
CA THR B 684 13.24 -31.52 2.08
C THR B 684 14.42 -32.34 2.58
N ARG B 685 15.62 -31.76 2.53
CA ARG B 685 16.79 -32.36 3.15
C ARG B 685 17.23 -31.50 4.33
N VAL B 686 17.25 -30.18 4.13
CA VAL B 686 17.72 -29.24 5.15
C VAL B 686 16.49 -28.58 5.78
N GLY B 687 16.50 -28.49 7.11
CA GLY B 687 15.52 -27.69 7.83
C GLY B 687 16.19 -26.49 8.49
N PHE B 688 15.39 -25.45 8.71
CA PHE B 688 15.96 -24.19 9.16
C PHE B 688 15.10 -23.58 10.25
N VAL B 689 15.74 -23.19 11.35
CA VAL B 689 15.16 -22.34 12.37
C VAL B 689 15.91 -21.02 12.32
N LEU B 690 15.30 -19.99 11.74
CA LEU B 690 16.00 -18.75 11.51
C LEU B 690 16.22 -17.99 12.82
N GLN B 691 16.99 -16.90 12.72
CA GLN B 691 17.39 -16.13 13.90
C GLN B 691 16.32 -15.12 14.29
N GLU B 692 15.49 -14.68 13.35
CA GLU B 692 14.38 -13.78 13.63
C GLU B 692 13.09 -14.54 13.37
N ALA B 693 12.39 -14.90 14.44
CA ALA B 693 11.21 -15.76 14.36
C ALA B 693 10.06 -14.97 13.73
N GLN B 694 9.84 -15.20 12.44
CA GLN B 694 8.76 -14.56 11.71
C GLN B 694 7.71 -15.60 11.36
N LEU B 695 6.44 -15.28 11.59
CA LEU B 695 5.34 -16.20 11.39
C LEU B 695 4.22 -15.51 10.61
N VAL B 696 3.55 -16.28 9.75
CA VAL B 696 2.60 -15.71 8.82
C VAL B 696 1.26 -15.48 9.52
N HIS B 697 0.39 -14.72 8.85
CA HIS B 697 -0.92 -14.35 9.39
C HIS B 697 -1.90 -15.49 9.16
N GLY B 698 -1.96 -16.40 10.13
CA GLY B 698 -2.91 -17.49 10.10
C GLY B 698 -3.22 -17.95 11.50
N THR B 699 -3.85 -19.12 11.64
CA THR B 699 -4.16 -19.64 12.95
C THR B 699 -2.88 -20.17 13.60
N ALA B 700 -3.01 -20.66 14.85
CA ALA B 700 -1.84 -21.18 15.54
C ALA B 700 -1.41 -22.53 14.99
N ALA B 701 -2.25 -23.18 14.20
CA ALA B 701 -1.92 -24.46 13.60
C ALA B 701 -1.56 -24.34 12.12
N GLU B 702 -1.77 -23.17 11.51
CA GLU B 702 -1.28 -22.87 10.17
C GLU B 702 0.09 -22.20 10.24
N ASN B 703 0.61 -22.00 11.46
CA ASN B 703 1.97 -21.53 11.65
C ASN B 703 2.91 -22.62 12.13
N ILE B 704 2.40 -23.67 12.77
CA ILE B 704 3.19 -24.86 13.05
C ILE B 704 3.24 -25.80 11.86
N ALA B 705 2.13 -26.03 11.19
CA ALA B 705 2.09 -26.83 9.97
C ALA B 705 2.20 -25.89 8.77
N LEU B 706 3.36 -25.26 8.63
CA LEU B 706 3.65 -24.42 7.48
C LEU B 706 4.45 -25.15 6.42
N ALA B 707 5.45 -25.94 6.83
CA ALA B 707 6.19 -26.74 5.86
C ALA B 707 5.36 -27.92 5.38
N VAL B 708 4.67 -28.57 6.30
CA VAL B 708 3.76 -29.68 5.98
C VAL B 708 2.35 -29.22 6.32
N PRO B 709 1.62 -28.61 5.39
CA PRO B 709 0.32 -28.02 5.74
C PRO B 709 -0.73 -29.03 6.15
N ASP B 710 -0.47 -30.32 5.99
CA ASP B 710 -1.48 -31.35 6.15
C ASP B 710 -1.11 -32.38 7.22
N ALA B 711 -0.35 -31.97 8.22
CA ALA B 711 -0.17 -32.80 9.40
C ALA B 711 -1.54 -32.93 10.07
N PRO B 712 -2.10 -34.14 10.18
CA PRO B 712 -3.57 -34.24 10.25
C PRO B 712 -4.21 -33.41 11.35
N ALA B 713 -4.07 -33.82 12.61
CA ALA B 713 -4.21 -32.88 13.71
C ALA B 713 -3.28 -33.25 14.85
N GLU B 714 -3.03 -34.55 15.02
CA GLU B 714 -2.17 -35.02 16.09
C GLU B 714 -0.77 -35.29 15.58
N GLN B 715 -0.21 -34.33 14.86
CA GLN B 715 1.23 -34.29 14.63
C GLN B 715 1.67 -32.86 14.89
N VAL B 716 0.78 -31.91 14.61
CA VAL B 716 0.95 -30.55 15.10
C VAL B 716 0.98 -30.53 16.62
N GLN B 717 0.12 -31.32 17.27
CA GLN B 717 0.12 -31.36 18.72
C GLN B 717 1.39 -32.00 19.26
N VAL B 718 1.92 -33.02 18.58
CA VAL B 718 3.16 -33.64 19.05
C VAL B 718 4.34 -32.70 18.85
N ALA B 719 4.38 -32.00 17.71
CA ALA B 719 5.42 -31.00 17.50
C ALA B 719 5.38 -29.92 18.55
N ALA B 720 4.18 -29.42 18.87
CA ALA B 720 4.06 -28.40 19.92
C ALA B 720 4.40 -28.97 21.28
N ARG B 721 4.13 -30.26 21.50
CA ARG B 721 4.48 -30.89 22.76
C ARG B 721 5.99 -30.96 22.94
N GLU B 722 6.72 -31.22 21.85
CA GLU B 722 8.17 -31.33 21.94
C GLU B 722 8.84 -29.98 22.10
N ALA B 723 8.24 -28.90 21.56
CA ALA B 723 8.80 -27.57 21.67
C ALA B 723 8.28 -26.82 22.89
N GLN B 724 7.65 -27.57 23.80
CA GLN B 724 7.17 -27.03 25.07
C GLN B 724 6.27 -25.82 24.88
N ILE B 725 5.35 -25.87 23.92
CA ILE B 725 4.45 -24.74 23.67
C ILE B 725 3.01 -25.23 23.57
N HIS B 726 2.79 -26.52 23.78
CA HIS B 726 1.44 -27.06 23.63
C HIS B 726 0.50 -26.49 24.69
N ASP B 727 0.93 -26.50 25.95
CA ASP B 727 0.09 -26.00 27.03
C ASP B 727 -0.24 -24.53 26.84
N ARG B 728 0.70 -23.76 26.30
CA ARG B 728 0.42 -22.35 26.04
C ARG B 728 -0.55 -22.18 24.87
N VAL B 729 -0.29 -22.85 23.75
CA VAL B 729 -1.19 -22.72 22.60
C VAL B 729 -2.59 -23.19 22.90
N LEU B 730 -2.76 -24.14 23.82
CA LEU B 730 -4.08 -24.56 24.27
C LEU B 730 -4.72 -23.57 25.22
N ARG B 731 -4.11 -22.40 25.41
CA ARG B 731 -4.66 -21.37 26.28
C ARG B 731 -5.09 -20.12 25.51
N LEU B 732 -4.97 -20.12 24.19
CA LEU B 732 -5.43 -19.01 23.39
C LEU B 732 -6.95 -18.93 23.41
N PRO B 733 -7.52 -17.77 23.06
CA PRO B 733 -8.99 -17.60 23.08
C PRO B 733 -9.79 -18.78 22.54
N ASP B 734 -9.35 -19.38 21.44
CA ASP B 734 -10.02 -20.56 20.88
C ASP B 734 -9.01 -21.61 20.44
N GLY B 735 -7.99 -21.84 21.27
CA GLY B 735 -7.12 -22.98 21.08
C GLY B 735 -6.24 -22.86 19.86
N TYR B 736 -6.08 -23.99 19.16
CA TYR B 736 -5.22 -24.11 17.99
C TYR B 736 -5.78 -23.44 16.75
N ASP B 737 -6.86 -22.67 16.89
CA ASP B 737 -7.48 -22.00 15.76
C ASP B 737 -7.44 -20.48 15.89
N THR B 738 -6.58 -19.95 16.75
CA THR B 738 -6.51 -18.51 16.98
C THR B 738 -5.61 -17.85 15.95
N VAL B 739 -6.15 -16.87 15.23
CA VAL B 739 -5.41 -16.14 14.22
C VAL B 739 -4.37 -15.27 14.90
N LEU B 740 -3.09 -15.53 14.61
CA LEU B 740 -2.00 -14.83 15.29
C LEU B 740 -1.56 -13.61 14.50
N GLY B 741 -1.12 -13.81 13.27
CA GLY B 741 -0.63 -12.69 12.48
C GLY B 741 0.73 -12.21 12.95
N ALA B 742 1.04 -10.97 12.62
CA ALA B 742 2.29 -10.34 13.02
C ALA B 742 2.16 -9.81 14.45
N ASN B 743 2.81 -10.49 15.39
CA ASN B 743 2.88 -10.14 16.81
C ASN B 743 1.57 -9.58 17.38
N SER B 744 0.49 -10.34 17.26
CA SER B 744 -0.77 -10.05 17.93
C SER B 744 -1.10 -11.15 18.94
N GLY B 745 -0.08 -11.58 19.67
CA GLY B 745 -0.18 -12.65 20.65
C GLY B 745 1.18 -13.30 20.77
N LEU B 746 1.35 -14.24 21.70
CA LEU B 746 2.54 -15.07 21.71
C LEU B 746 3.82 -14.24 21.88
N SER B 747 4.04 -13.74 23.09
CA SER B 747 5.22 -12.94 23.44
C SER B 747 6.50 -13.49 22.81
N GLY B 748 7.40 -12.57 22.47
CA GLY B 748 8.55 -12.90 21.62
C GLY B 748 9.33 -14.13 22.06
N GLY B 749 9.32 -14.43 23.35
CA GLY B 749 10.00 -15.62 23.80
C GLY B 749 9.30 -16.91 23.46
N GLU B 750 8.02 -16.86 23.12
CA GLU B 750 7.27 -18.05 22.76
C GLU B 750 6.69 -17.96 21.35
N ARG B 751 7.05 -16.93 20.58
CA ARG B 751 6.79 -16.93 19.16
C ARG B 751 7.99 -17.43 18.37
N GLN B 752 9.03 -17.91 19.06
CA GLN B 752 10.09 -18.67 18.43
C GLN B 752 10.05 -20.14 18.80
N ARG B 753 9.48 -20.49 19.94
CA ARG B 753 9.18 -21.88 20.26
C ARG B 753 8.06 -22.42 19.38
N LEU B 754 7.37 -21.55 18.65
CA LEU B 754 6.41 -21.95 17.63
C LEU B 754 7.07 -22.11 16.27
N THR B 755 8.29 -21.59 16.11
CA THR B 755 9.10 -21.87 14.93
C THR B 755 10.09 -22.99 15.15
N ILE B 756 10.38 -23.36 16.40
CA ILE B 756 11.09 -24.60 16.68
C ILE B 756 10.20 -25.81 16.45
N ALA B 757 8.90 -25.69 16.72
CA ALA B 757 7.94 -26.74 16.42
C ALA B 757 7.66 -26.88 14.93
N ARG B 758 7.67 -25.78 14.19
CA ARG B 758 7.53 -25.80 12.75
C ARG B 758 8.66 -26.56 12.05
N ALA B 759 9.83 -26.67 12.69
CA ALA B 759 10.93 -27.44 12.15
C ALA B 759 11.03 -28.84 12.75
N ILE B 760 10.43 -29.07 13.91
CA ILE B 760 10.29 -30.44 14.41
C ILE B 760 9.25 -31.20 13.60
N LEU B 761 8.14 -30.54 13.26
CA LEU B 761 7.15 -31.09 12.36
C LEU B 761 7.65 -30.94 10.93
N GLY B 762 7.73 -32.04 10.20
CA GLY B 762 8.38 -32.01 8.91
C GLY B 762 9.85 -32.32 9.08
N ASP B 763 10.13 -33.46 9.71
CA ASP B 763 11.51 -33.80 10.07
C ASP B 763 12.35 -33.96 8.82
N THR B 764 13.55 -33.37 8.85
CA THR B 764 14.50 -33.36 7.76
C THR B 764 15.81 -33.99 8.20
N PRO B 765 16.51 -34.69 7.29
CA PRO B 765 17.73 -35.40 7.70
C PRO B 765 18.85 -34.51 8.20
N VAL B 766 18.83 -33.21 7.91
CA VAL B 766 19.79 -32.28 8.46
C VAL B 766 19.09 -30.99 8.87
N LEU B 767 19.17 -30.65 10.14
CA LEU B 767 18.49 -29.49 10.71
C LEU B 767 19.52 -28.44 11.12
N ILE B 768 19.34 -27.22 10.63
CA ILE B 768 20.23 -26.11 10.94
C ILE B 768 19.52 -25.21 11.92
N LEU B 769 19.90 -25.27 13.19
CA LEU B 769 19.34 -24.42 14.22
C LEU B 769 20.18 -23.16 14.37
N ASP B 770 19.56 -22.01 14.14
CA ASP B 770 20.22 -20.74 14.41
C ASP B 770 20.12 -20.46 15.90
N GLN B 771 20.43 -19.20 16.28
CA GLN B 771 20.27 -18.78 17.69
C GLN B 771 18.79 -18.96 17.98
N ALA B 772 18.40 -20.09 18.56
CA ALA B 772 16.99 -20.41 18.71
C ALA B 772 16.50 -20.30 20.14
N THR B 773 17.40 -20.46 21.11
CA THR B 773 17.04 -20.31 22.52
C THR B 773 17.47 -18.96 23.07
N ALA B 774 17.46 -17.92 22.23
CA ALA B 774 17.89 -16.60 22.66
C ALA B 774 16.90 -16.00 23.65
N PHE B 775 15.60 -16.15 23.39
CA PHE B 775 14.56 -15.55 24.21
C PHE B 775 13.97 -16.53 25.22
N ALA B 776 14.65 -17.63 25.50
CA ALA B 776 14.13 -18.67 26.37
C ALA B 776 14.87 -18.67 27.70
N ASP B 777 14.12 -18.80 28.79
CA ASP B 777 14.70 -18.82 30.14
C ASP B 777 15.48 -20.12 30.34
N PRO B 778 16.41 -20.18 31.29
CA PRO B 778 17.19 -21.40 31.45
C PRO B 778 16.48 -22.44 32.31
N GLU B 779 15.18 -22.60 32.09
CA GLU B 779 14.43 -23.73 32.65
C GLU B 779 13.52 -24.27 31.56
N SER B 780 13.21 -23.43 30.59
CA SER B 780 12.41 -23.80 29.43
C SER B 780 13.25 -23.92 28.17
N GLU B 781 14.56 -23.74 28.29
CA GLU B 781 15.49 -24.07 27.21
C GLU B 781 16.18 -25.39 27.46
N TYR B 782 16.22 -25.87 28.71
CA TYR B 782 16.76 -27.17 29.03
C TYR B 782 15.83 -28.30 28.64
N LEU B 783 14.53 -28.02 28.49
CA LEU B 783 13.57 -28.99 27.99
C LEU B 783 13.49 -29.00 26.48
N VAL B 784 13.55 -27.84 25.84
CA VAL B 784 13.56 -27.81 24.38
C VAL B 784 14.85 -28.38 23.81
N GLN B 785 15.99 -28.16 24.45
CA GLN B 785 17.25 -28.72 24.00
C GLN B 785 17.48 -30.12 24.55
N GLN B 786 16.53 -30.63 25.34
CA GLN B 786 16.50 -32.04 25.70
C GLN B 786 15.54 -32.85 24.85
N ALA B 787 14.51 -32.23 24.30
CA ALA B 787 13.63 -32.88 23.34
C ALA B 787 14.10 -32.59 21.92
N LEU B 788 15.38 -32.25 21.78
CA LEU B 788 16.00 -32.06 20.48
C LEU B 788 17.27 -32.89 20.41
N ASN B 789 17.67 -33.44 21.56
CA ASN B 789 18.73 -34.42 21.60
C ASN B 789 18.21 -35.84 21.41
N ARG B 790 16.93 -36.08 21.69
CA ARG B 790 16.30 -37.37 21.48
C ARG B 790 15.77 -37.53 20.07
N LEU B 791 15.34 -36.43 19.44
CA LEU B 791 14.87 -36.52 18.07
C LEU B 791 16.02 -36.69 17.09
N THR B 792 17.03 -35.83 17.19
CA THR B 792 18.14 -35.79 16.24
C THR B 792 19.32 -36.60 16.80
N ARG B 793 19.10 -37.91 16.96
CA ARG B 793 20.17 -38.83 17.30
C ARG B 793 20.82 -39.44 16.07
N ASP B 794 20.21 -39.28 14.91
CA ASP B 794 20.78 -39.69 13.64
C ASP B 794 20.71 -38.60 12.58
N ARG B 795 20.29 -37.40 12.95
CA ARG B 795 20.25 -36.27 12.01
C ARG B 795 21.57 -35.53 12.04
N THR B 796 21.71 -34.50 11.21
CA THR B 796 22.90 -33.65 11.17
C THR B 796 22.48 -32.29 11.68
N VAL B 797 23.11 -31.82 12.74
CA VAL B 797 22.72 -30.58 13.38
C VAL B 797 23.86 -29.57 13.29
N LEU B 798 23.50 -28.30 13.20
CA LEU B 798 24.45 -27.18 13.26
C LEU B 798 23.75 -26.09 14.08
N VAL B 799 24.15 -25.95 15.33
CA VAL B 799 23.44 -25.10 16.29
C VAL B 799 24.28 -23.87 16.60
N ILE B 800 24.02 -22.79 15.85
CA ILE B 800 24.64 -21.50 16.16
C ILE B 800 24.22 -21.05 17.55
N ALA B 801 25.18 -20.59 18.34
CA ALA B 801 24.88 -20.24 19.72
C ALA B 801 25.82 -19.16 20.23
N HIS B 802 25.29 -18.31 21.11
CA HIS B 802 26.08 -17.35 21.84
C HIS B 802 26.20 -17.66 23.33
N ARG B 803 25.35 -18.52 23.87
CA ARG B 803 25.50 -19.02 25.23
C ARG B 803 26.38 -20.27 25.19
N LEU B 804 27.64 -20.11 25.55
CA LEU B 804 28.63 -21.17 25.37
C LEU B 804 28.48 -22.31 26.36
N HIS B 805 27.52 -22.24 27.28
CA HIS B 805 27.31 -23.33 28.23
C HIS B 805 26.29 -24.35 27.75
N THR B 806 25.47 -23.99 26.77
CA THR B 806 24.48 -24.93 26.25
C THR B 806 25.13 -25.95 25.31
N ILE B 807 26.26 -25.58 24.72
CA ILE B 807 26.88 -26.38 23.67
C ILE B 807 28.21 -26.97 24.13
N THR B 808 28.34 -27.19 25.44
CA THR B 808 29.53 -27.81 25.98
C THR B 808 29.74 -29.22 25.47
N ARG B 809 28.66 -29.92 25.11
CA ARG B 809 28.72 -31.34 24.75
C ARG B 809 28.51 -31.57 23.26
N ALA B 810 28.91 -30.61 22.44
CA ALA B 810 28.83 -30.80 21.00
C ALA B 810 30.02 -31.64 20.52
N ASP B 811 29.87 -32.22 19.33
CA ASP B 811 30.93 -33.07 18.80
C ASP B 811 32.08 -32.25 18.23
N GLN B 812 31.79 -31.06 17.70
CA GLN B 812 32.83 -30.21 17.14
C GLN B 812 32.38 -28.76 17.22
N ILE B 813 33.19 -27.92 17.86
CA ILE B 813 32.95 -26.49 17.93
C ILE B 813 33.91 -25.81 16.95
N VAL B 814 33.39 -24.86 16.17
CA VAL B 814 34.20 -24.14 15.20
C VAL B 814 34.00 -22.65 15.41
N VAL B 815 35.07 -21.95 15.83
CA VAL B 815 35.02 -20.51 15.96
C VAL B 815 35.10 -19.88 14.57
N LEU B 816 34.43 -18.74 14.40
CA LEU B 816 34.38 -18.09 13.09
C LEU B 816 34.28 -16.59 13.31
N ASP B 817 35.40 -15.89 13.18
CA ASP B 817 35.43 -14.44 13.32
C ASP B 817 35.98 -13.82 12.03
N HIS B 818 35.39 -12.70 11.64
CA HIS B 818 35.73 -11.97 10.42
C HIS B 818 35.60 -12.84 9.17
N GLY B 819 34.76 -13.87 9.22
CA GLY B 819 34.47 -14.66 8.04
C GLY B 819 35.44 -15.78 7.74
N ARG B 820 36.15 -16.29 8.75
CA ARG B 820 37.09 -17.38 8.53
C ARG B 820 37.22 -18.20 9.80
N ILE B 821 37.24 -19.52 9.64
CA ILE B 821 37.42 -20.44 10.76
C ILE B 821 38.82 -20.22 11.33
N VAL B 822 38.91 -20.18 12.66
CA VAL B 822 40.19 -20.00 13.33
C VAL B 822 40.47 -21.10 14.34
N GLU B 823 39.49 -21.90 14.73
CA GLU B 823 39.66 -22.86 15.81
C GLU B 823 38.56 -23.91 15.67
N ARG B 824 38.92 -25.18 15.80
CA ARG B 824 37.98 -26.27 15.76
C ARG B 824 38.45 -27.41 16.68
N GLY B 825 37.52 -27.97 17.44
CA GLY B 825 37.82 -29.06 18.36
C GLY B 825 36.63 -29.49 19.17
N THR B 826 36.85 -29.99 20.40
CA THR B 826 35.78 -30.53 21.21
C THR B 826 35.58 -29.78 22.52
N HIS B 827 36.03 -28.52 22.58
CA HIS B 827 35.88 -27.60 23.70
C HIS B 827 36.76 -27.95 24.89
N GLU B 828 37.15 -29.21 25.00
CA GLU B 828 38.09 -29.64 26.02
C GLU B 828 39.51 -29.62 25.49
N GLU B 829 39.65 -29.54 24.17
CA GLU B 829 40.87 -29.16 23.50
C GLU B 829 40.92 -27.67 23.25
N LEU B 830 39.74 -27.05 23.08
CA LEU B 830 39.68 -25.62 22.82
C LEU B 830 40.05 -24.79 24.05
N LEU B 831 39.38 -25.01 25.19
CA LEU B 831 39.72 -24.22 26.36
C LEU B 831 41.04 -24.64 27.00
N ALA B 832 41.60 -25.78 26.61
CA ALA B 832 42.83 -26.27 27.22
C ALA B 832 44.02 -26.18 26.28
N ALA B 833 43.83 -25.62 25.08
CA ALA B 833 44.95 -25.46 24.14
C ALA B 833 44.63 -24.29 23.22
N GLY B 834 45.24 -23.15 23.51
CA GLY B 834 45.21 -22.00 22.63
C GLY B 834 44.30 -20.90 23.15
N GLY B 835 43.75 -20.13 22.21
CA GLY B 835 42.92 -19.00 22.55
C GLY B 835 41.84 -18.74 21.52
N ARG B 836 41.24 -17.55 21.59
CA ARG B 836 40.13 -17.10 20.75
C ARG B 836 38.85 -17.83 21.15
N TYR B 837 39.00 -18.83 22.02
CA TYR B 837 37.90 -19.50 22.69
C TYR B 837 38.10 -19.58 24.19
N CYS B 838 39.34 -19.78 24.65
CA CYS B 838 39.69 -19.68 26.06
C CYS B 838 39.69 -18.25 26.56
N ARG B 839 39.33 -17.30 25.70
CA ARG B 839 39.13 -15.92 26.12
C ARG B 839 37.82 -15.40 25.57
N LEU B 840 36.92 -16.31 25.21
CA LEU B 840 35.55 -16.00 24.86
C LEU B 840 34.65 -16.80 25.79
N TRP B 841 35.22 -17.86 26.37
CA TRP B 841 34.57 -18.66 27.39
C TRP B 841 34.91 -18.21 28.80
N ASP B 842 36.13 -17.71 29.02
CA ASP B 842 36.50 -17.17 30.32
C ASP B 842 35.81 -15.85 30.63
N THR B 843 35.40 -15.11 29.60
CA THR B 843 34.58 -13.92 29.77
C THR B 843 33.11 -14.30 29.93
N GLY B 844 32.78 -14.93 31.04
CA GLY B 844 31.44 -15.41 31.27
C GLY B 844 31.41 -16.73 32.01
N GLN B 845 32.54 -17.45 32.01
CA GLN B 845 32.69 -18.69 32.77
C GLN B 845 31.59 -19.70 32.47
PG ATP C . 9.75 -13.46 27.24
O1G ATP C . 10.35 -13.11 28.56
O2G ATP C . 10.01 -12.47 26.13
O3G ATP C . 9.90 -14.91 26.84
PB ATP C . 7.62 -11.97 28.17
O1B ATP C . 7.83 -12.07 29.65
O2B ATP C . 8.17 -10.80 27.38
O3B ATP C . 8.18 -13.32 27.50
PA ATP C . 5.09 -10.83 27.82
O1A ATP C . 5.38 -10.04 26.57
O2A ATP C . 5.13 -10.17 29.17
O3A ATP C . 6.05 -12.10 27.87
O5' ATP C . 3.67 -11.55 27.63
C5' ATP C . 2.74 -11.66 28.70
C4' ATP C . 1.63 -12.54 28.19
O4' ATP C . 0.79 -11.75 27.34
C3' ATP C . 2.19 -13.66 27.35
O3' ATP C . 1.81 -14.92 27.89
C2' ATP C . 1.61 -13.50 25.96
O2' ATP C . 0.96 -14.71 25.57
C1' ATP C . 0.61 -12.37 26.07
N9 ATP C . 0.85 -11.38 25.01
C8 ATP C . 2.03 -10.82 24.72
N7 ATP C . 1.93 -9.95 23.69
C5 ATP C . 0.64 -9.93 23.31
C6 ATP C . -0.16 -9.22 22.30
N6 ATP C . 0.42 -8.33 21.45
N1 ATP C . -1.48 -9.49 22.23
C2 ATP C . -2.06 -10.36 23.06
N3 ATP C . -1.40 -11.05 24.01
C4 ATP C . -0.06 -10.87 24.19
MG MG D . 9.74 -10.15 26.13
PG ATP E . 24.98 -12.77 15.29
O1G ATP E . 25.52 -14.13 15.68
O2G ATP E . 23.50 -12.79 14.99
O3G ATP E . 25.37 -11.70 16.29
PB ATP E . 26.17 -13.24 12.64
O1B ATP E . 27.58 -13.70 12.86
O2B ATP E . 25.11 -14.23 12.34
O3B ATP E . 25.72 -12.37 13.91
PA ATP E . 25.81 -12.18 9.94
O1A ATP E . 24.32 -12.00 9.80
O2A ATP E . 26.49 -13.38 9.34
O3A ATP E . 26.18 -12.12 11.50
O5' ATP E . 26.54 -10.86 9.41
C5' ATP E . 27.69 -10.92 8.58
C4' ATP E . 27.92 -9.52 8.05
O4' ATP E . 27.18 -9.38 6.84
C3' ATP E . 27.37 -8.50 9.02
O3' ATP E . 28.42 -7.63 9.45
C2' ATP E . 26.34 -7.70 8.26
O2' ATP E . 26.65 -6.31 8.36
C1' ATP E . 26.45 -8.17 6.82
N9 ATP E . 25.11 -8.40 6.26
C8 ATP E . 24.18 -9.25 6.74
N7 ATP E . 23.06 -9.23 5.98
C5 ATP E . 23.27 -8.36 4.98
C6 ATP E . 22.50 -7.87 3.82
N6 ATP E . 21.25 -8.31 3.57
N1 ATP E . 23.08 -6.96 3.01
C2 ATP E . 24.33 -6.50 3.24
N3 ATP E . 25.08 -6.91 4.28
C4 ATP E . 24.62 -7.82 5.17
MG MG F . 23.01 -14.17 13.40
MG MG G . -11.79 1.24 -17.01
#